data_5IBU
#
_entry.id   5IBU
#
_cell.length_a   48.630
_cell.length_b   89.570
_cell.length_c   117.750
_cell.angle_alpha   90.000
_cell.angle_beta   93.730
_cell.angle_gamma   90.000
#
_symmetry.space_group_name_H-M   'P 1 21 1'
#
loop_
_entity.id
_entity.type
_entity.pdbx_description
1 polymer '6652 Light Chain'
2 polymer '6652 Heavy Chain'
3 water water
#
loop_
_entity_poly.entity_id
_entity_poly.type
_entity_poly.pdbx_seq_one_letter_code
_entity_poly.pdbx_strand_id
1 'polypeptide(L)'
;EIVLTQSPGTLSLSPGERATLSCRASQSVFSTFLAWYQQKPGQAPRLLIYAASRRAAGIPDRFSGSESGTDFTLTISRLE
PEDFAVYYCQQSESSPWTFGQGTKVDIKRTVAAPSVFIFPPSDEQLKSGTASVVCLLNNFYPREAKVQWKVDNALQSGNS
QESVTEQDSKDSTYSLSSTLTLSKADYEKHKVYACEVTHQGLSSPVTKSFNRGEC
;
B,L
2 'polypeptide(L)'
;EVQLVQSGAEVKMPGESLRISCKVSGYNFVKFWIAWVRQKPGKGLEWMGVIHPGDSDSTYNPSFQGHVSISADKSINTAY
LQWNSLKASDTAMYFCARVVGDREGFGYHYGLDVWGQGTTVTVSSASTKGPSVFPLAPSSKSTSGGTAALGCLVKDYFPE
PVTVSWNSGALTSGVHTFPAVLQSSGLYSLSSVVTVPSSSLGTQTYICNVNHKPSNTKVDKRVEPKSCDK
;
G,H
#
# COMPACT_ATOMS: atom_id res chain seq x y z
N GLU A 1 -51.60 4.25 -15.10
CA GLU A 1 -50.53 4.78 -14.27
C GLU A 1 -49.54 5.56 -15.14
N ILE A 2 -49.13 6.75 -14.69
CA ILE A 2 -48.17 7.54 -15.44
C ILE A 2 -46.77 7.02 -15.13
N VAL A 3 -46.10 6.49 -16.14
CA VAL A 3 -44.74 5.97 -15.96
C VAL A 3 -43.74 7.07 -16.31
N LEU A 4 -42.81 7.36 -15.38
CA LEU A 4 -41.75 8.35 -15.58
C LEU A 4 -40.44 7.61 -15.83
N THR A 5 -39.81 7.89 -16.98
CA THR A 5 -38.55 7.25 -17.34
C THR A 5 -37.45 8.27 -17.29
N GLN A 6 -36.48 8.02 -16.43
CA GLN A 6 -35.33 8.91 -16.34
C GLN A 6 -34.19 8.43 -17.21
N SER A 7 -33.51 9.39 -17.83
CA SER A 7 -32.35 9.11 -18.66
C SER A 7 -31.28 10.20 -18.47
N PRO A 8 -30.00 9.78 -18.45
CA PRO A 8 -29.49 8.40 -18.52
C PRO A 8 -29.60 7.79 -17.11
N GLY A 9 -29.28 6.51 -16.95
CA GLY A 9 -29.28 5.84 -15.66
C GLY A 9 -28.19 6.36 -14.74
N THR A 10 -27.03 6.66 -15.34
CA THR A 10 -25.86 7.23 -14.66
C THR A 10 -25.23 8.33 -15.52
N LEU A 11 -24.79 9.41 -14.89
CA LEU A 11 -24.05 10.49 -15.53
C LEU A 11 -22.69 10.51 -14.85
N SER A 12 -21.60 10.51 -15.64
CA SER A 12 -20.25 10.57 -15.08
C SER A 12 -19.67 11.94 -15.44
N LEU A 13 -19.49 12.79 -14.43
CA LEU A 13 -19.03 14.17 -14.64
C LEU A 13 -18.02 14.63 -13.61
N SER A 14 -17.30 15.72 -13.90
CA SER A 14 -16.33 16.27 -12.97
C SER A 14 -16.92 17.47 -12.26
N PRO A 15 -16.45 17.85 -11.03
CA PRO A 15 -16.93 19.12 -10.45
C PRO A 15 -16.61 20.26 -11.41
N GLY A 16 -17.50 21.24 -11.46
CA GLY A 16 -17.38 22.37 -12.36
C GLY A 16 -18.15 22.17 -13.65
N GLU A 17 -18.48 20.92 -14.00
CA GLU A 17 -19.19 20.61 -15.24
C GLU A 17 -20.71 20.75 -15.13
N ARG A 18 -21.37 20.84 -16.27
CA ARG A 18 -22.83 20.91 -16.33
C ARG A 18 -23.44 19.52 -16.37
N ALA A 19 -24.51 19.32 -15.58
CA ALA A 19 -25.27 18.08 -15.53
C ALA A 19 -26.66 18.33 -16.10
N THR A 20 -27.09 17.50 -17.04
CA THR A 20 -28.41 17.57 -17.66
C THR A 20 -29.07 16.19 -17.50
N LEU A 21 -30.16 16.16 -16.72
CA LEU A 21 -30.90 14.93 -16.41
C LEU A 21 -32.29 15.06 -17.05
N SER A 22 -32.81 13.97 -17.58
CA SER A 22 -34.10 13.94 -18.27
C SER A 22 -35.10 13.03 -17.54
N CYS A 23 -36.37 13.36 -17.68
CA CYS A 23 -37.48 12.62 -17.11
C CYS A 23 -38.60 12.72 -18.13
N ARG A 24 -38.94 11.58 -18.72
CA ARG A 24 -39.98 11.51 -19.74
C ARG A 24 -41.23 10.79 -19.25
N ALA A 25 -42.39 11.46 -19.34
CA ALA A 25 -43.67 10.91 -18.89
C ALA A 25 -44.35 10.09 -20.00
N SER A 26 -44.96 8.94 -19.64
CA SER A 26 -45.66 8.05 -20.59
C SER A 26 -46.88 8.72 -21.23
N GLN A 27 -47.43 9.74 -20.55
CA GLN A 27 -48.54 10.56 -21.02
C GLN A 27 -48.36 11.98 -20.50
N SER A 28 -49.05 12.94 -21.10
CA SER A 28 -48.94 14.36 -20.76
C SER A 28 -49.08 14.64 -19.25
N VAL A 29 -48.07 15.30 -18.66
CA VAL A 29 -48.07 15.73 -17.25
C VAL A 29 -47.98 17.25 -17.32
N PHE A 30 -48.99 17.96 -16.77
CA PHE A 30 -48.95 19.42 -16.75
C PHE A 30 -47.80 19.88 -15.83
N SER A 31 -47.04 20.90 -16.26
CA SER A 31 -45.83 21.37 -15.59
C SER A 31 -45.94 21.55 -14.06
N THR A 32 -47.09 22.03 -13.52
CA THR A 32 -47.30 22.27 -12.08
C THR A 32 -47.04 21.03 -11.20
N PHE A 33 -47.24 19.83 -11.74
CA PHE A 33 -47.18 18.59 -10.99
C PHE A 33 -45.88 17.81 -11.08
N LEU A 34 -44.83 18.34 -11.75
CA LEU A 34 -43.56 17.61 -11.90
C LEU A 34 -42.53 18.18 -10.95
N ALA A 35 -42.03 17.35 -10.03
CA ALA A 35 -41.03 17.76 -9.06
C ALA A 35 -39.74 16.92 -9.19
N TRP A 36 -38.62 17.48 -8.73
CA TRP A 36 -37.33 16.80 -8.69
C TRP A 36 -36.84 16.76 -7.25
N TYR A 37 -36.18 15.65 -6.89
CA TYR A 37 -35.60 15.38 -5.58
C TYR A 37 -34.14 14.95 -5.71
N GLN A 38 -33.37 15.23 -4.68
CA GLN A 38 -31.98 14.77 -4.56
C GLN A 38 -31.90 13.86 -3.36
N GLN A 39 -31.22 12.73 -3.52
CA GLN A 39 -31.00 11.81 -2.41
C GLN A 39 -29.53 11.41 -2.33
N LYS A 40 -28.95 11.62 -1.13
CA LYS A 40 -27.59 11.21 -0.80
C LYS A 40 -27.61 9.87 -0.05
N PRO A 41 -26.51 9.03 -0.10
CA PRO A 41 -26.52 7.76 0.64
C PRO A 41 -26.77 7.96 2.13
N GLY A 42 -27.64 7.13 2.69
CA GLY A 42 -28.03 7.19 4.11
C GLY A 42 -28.78 8.45 4.51
N GLN A 43 -29.44 9.12 3.54
CA GLN A 43 -30.23 10.32 3.83
C GLN A 43 -31.60 10.24 3.18
N ALA A 44 -32.53 11.06 3.70
CA ALA A 44 -33.85 11.17 3.10
C ALA A 44 -33.73 12.02 1.82
N PRO A 45 -34.62 11.83 0.83
CA PRO A 45 -34.62 12.73 -0.33
C PRO A 45 -34.99 14.15 0.11
N ARG A 46 -34.56 15.12 -0.68
CA ARG A 46 -34.71 16.56 -0.46
C ARG A 46 -35.39 17.14 -1.71
N LEU A 47 -36.46 17.95 -1.52
CA LEU A 47 -37.11 18.60 -2.69
C LEU A 47 -36.20 19.68 -3.30
N LEU A 48 -35.93 19.60 -4.61
CA LEU A 48 -35.08 20.55 -5.34
C LEU A 48 -35.92 21.55 -6.15
N ILE A 49 -36.81 21.02 -7.02
CA ILE A 49 -37.65 21.80 -7.94
C ILE A 49 -39.08 21.32 -7.80
N TYR A 50 -40.04 22.24 -7.85
CA TYR A 50 -41.44 21.86 -7.94
C TYR A 50 -42.02 22.63 -9.15
N ALA A 51 -43.14 22.13 -9.69
CA ALA A 51 -43.81 22.76 -10.85
C ALA A 51 -42.83 22.94 -12.03
N ALA A 52 -42.03 21.87 -12.28
CA ALA A 52 -41.05 21.73 -13.37
C ALA A 52 -39.85 22.66 -13.33
N SER A 53 -39.99 23.91 -12.85
CA SER A 53 -38.91 24.90 -12.93
C SER A 53 -38.71 25.78 -11.70
N ARG A 54 -39.50 25.56 -10.64
CA ARG A 54 -39.38 26.43 -9.49
C ARG A 54 -38.52 25.86 -8.38
N ARG A 55 -37.46 26.58 -8.00
CA ARG A 55 -36.59 26.13 -6.92
C ARG A 55 -37.33 26.09 -5.60
N ALA A 56 -37.12 25.02 -4.83
CA ALA A 56 -37.68 24.85 -3.50
C ALA A 56 -36.91 25.73 -2.53
N ALA A 57 -37.44 25.95 -1.30
CA ALA A 57 -36.81 26.81 -0.29
C ALA A 57 -35.35 26.41 -0.01
N GLY A 58 -34.45 27.39 -0.01
CA GLY A 58 -33.01 27.22 0.24
C GLY A 58 -32.20 26.49 -0.81
N ILE A 59 -32.79 26.18 -1.99
CA ILE A 59 -32.08 25.49 -3.06
C ILE A 59 -31.20 26.48 -3.86
N PRO A 60 -29.89 26.19 -4.05
CA PRO A 60 -29.02 27.15 -4.78
C PRO A 60 -29.34 27.32 -6.27
N ASP A 61 -29.02 28.49 -6.83
CA ASP A 61 -29.38 28.82 -8.21
C ASP A 61 -28.65 28.01 -9.29
N ARG A 62 -27.66 27.15 -8.92
CA ARG A 62 -27.05 26.26 -9.92
C ARG A 62 -28.03 25.17 -10.39
N PHE A 63 -29.13 24.94 -9.63
CA PHE A 63 -30.22 24.02 -9.95
C PHE A 63 -31.33 24.79 -10.70
N SER A 64 -31.74 24.26 -11.83
CA SER A 64 -32.85 24.77 -12.63
C SER A 64 -33.60 23.61 -13.32
N GLY A 65 -34.83 23.89 -13.73
CA GLY A 65 -35.64 22.92 -14.42
C GLY A 65 -36.34 23.53 -15.59
N SER A 66 -36.63 22.71 -16.60
CA SER A 66 -37.36 23.16 -17.79
C SER A 66 -38.17 22.02 -18.38
N GLU A 67 -39.16 22.37 -19.19
CA GLU A 67 -40.00 21.39 -19.87
C GLU A 67 -40.01 21.65 -21.38
N SER A 68 -40.19 20.56 -22.14
CA SER A 68 -40.44 20.48 -23.59
C SER A 68 -41.33 19.21 -23.87
N GLY A 69 -42.66 19.43 -24.01
CA GLY A 69 -43.62 18.35 -24.21
C GLY A 69 -43.70 17.39 -23.04
N THR A 70 -43.44 16.10 -23.29
CA THR A 70 -43.43 15.08 -22.23
C THR A 70 -42.03 14.91 -21.61
N ASP A 71 -41.03 15.72 -22.07
CA ASP A 71 -39.67 15.69 -21.57
C ASP A 71 -39.43 16.85 -20.60
N PHE A 72 -38.98 16.51 -19.39
CA PHE A 72 -38.66 17.48 -18.34
C PHE A 72 -37.17 17.33 -18.10
N THR A 73 -36.51 18.44 -17.83
CA THR A 73 -35.07 18.47 -17.60
C THR A 73 -34.71 19.14 -16.31
N LEU A 74 -33.75 18.54 -15.58
CA LEU A 74 -33.13 19.11 -14.40
C LEU A 74 -31.69 19.44 -14.83
N THR A 75 -31.28 20.68 -14.62
CA THR A 75 -29.92 21.12 -14.96
C THR A 75 -29.20 21.58 -13.72
N ILE A 76 -27.96 21.11 -13.56
CA ILE A 76 -27.04 21.55 -12.51
C ILE A 76 -25.95 22.25 -13.32
N SER A 77 -25.94 23.58 -13.31
CA SER A 77 -25.04 24.36 -14.19
C SER A 77 -23.54 24.14 -13.95
N ARG A 78 -23.16 23.92 -12.71
CA ARG A 78 -21.76 23.75 -12.34
C ARG A 78 -21.75 22.84 -11.14
N LEU A 79 -21.38 21.57 -11.35
CA LEU A 79 -21.40 20.60 -10.27
C LEU A 79 -20.47 20.93 -9.14
N GLU A 80 -21.00 20.83 -7.94
CA GLU A 80 -20.24 20.99 -6.72
C GLU A 80 -20.04 19.56 -6.15
N PRO A 81 -18.99 19.29 -5.33
CA PRO A 81 -18.80 17.92 -4.79
C PRO A 81 -20.02 17.35 -4.08
N GLU A 82 -20.81 18.21 -3.39
CA GLU A 82 -22.02 17.79 -2.69
C GLU A 82 -23.18 17.34 -3.63
N ASP A 83 -23.05 17.61 -4.94
CA ASP A 83 -24.08 17.29 -5.95
C ASP A 83 -24.01 15.87 -6.51
N PHE A 84 -22.93 15.10 -6.19
CA PHE A 84 -22.80 13.72 -6.64
C PHE A 84 -23.70 12.89 -5.75
N ALA A 85 -24.87 12.54 -6.29
CA ALA A 85 -26.00 11.93 -5.59
C ALA A 85 -26.93 11.29 -6.62
N VAL A 86 -28.12 10.82 -6.13
CA VAL A 86 -29.15 10.24 -6.99
C VAL A 86 -30.30 11.27 -7.05
N TYR A 87 -30.89 11.45 -8.24
CA TYR A 87 -31.96 12.41 -8.50
C TYR A 87 -33.19 11.67 -9.02
N TYR A 88 -34.35 12.01 -8.47
CA TYR A 88 -35.61 11.40 -8.87
C TYR A 88 -36.59 12.48 -9.32
N CYS A 89 -37.42 12.16 -10.32
CA CYS A 89 -38.52 13.04 -10.71
C CYS A 89 -39.78 12.39 -10.14
N GLN A 90 -40.86 13.17 -10.01
CA GLN A 90 -42.13 12.65 -9.49
C GLN A 90 -43.27 13.46 -10.10
N GLN A 91 -44.38 12.78 -10.40
CA GLN A 91 -45.59 13.48 -10.87
C GLN A 91 -46.70 13.31 -9.79
N SER A 92 -47.44 14.39 -9.52
CA SER A 92 -48.51 14.40 -8.51
C SER A 92 -49.86 14.77 -9.15
N GLU A 93 -49.94 14.71 -10.49
CA GLU A 93 -51.18 15.04 -11.20
C GLU A 93 -52.22 13.92 -11.08
N SER A 94 -51.82 12.67 -11.35
CA SER A 94 -52.74 11.54 -11.37
C SER A 94 -52.38 10.47 -10.34
N SER A 95 -53.43 9.87 -9.73
CA SER A 95 -53.25 8.79 -8.76
C SER A 95 -53.05 7.46 -9.50
N PRO A 96 -52.03 6.65 -9.14
CA PRO A 96 -51.05 6.90 -8.07
C PRO A 96 -49.94 7.85 -8.49
N TRP A 97 -49.46 8.66 -7.52
CA TRP A 97 -48.31 9.51 -7.75
C TRP A 97 -47.15 8.57 -8.03
N THR A 98 -46.32 8.91 -8.99
CA THR A 98 -45.22 8.01 -9.35
C THR A 98 -43.89 8.74 -9.39
N PHE A 99 -42.80 7.97 -9.23
CA PHE A 99 -41.43 8.47 -9.29
C PHE A 99 -40.73 7.85 -10.49
N GLY A 100 -39.72 8.55 -10.99
CA GLY A 100 -38.81 8.01 -12.00
C GLY A 100 -37.93 7.01 -11.25
N GLN A 101 -37.16 6.18 -11.98
CA GLN A 101 -36.31 5.17 -11.34
C GLN A 101 -34.95 5.74 -10.81
N GLY A 102 -34.73 7.03 -11.00
CA GLY A 102 -33.53 7.72 -10.56
C GLY A 102 -32.40 7.74 -11.55
N THR A 103 -31.57 8.77 -11.46
CA THR A 103 -30.34 8.94 -12.22
C THR A 103 -29.23 9.23 -11.20
N LYS A 104 -28.15 8.43 -11.24
CA LYS A 104 -27.02 8.63 -10.34
C LYS A 104 -25.98 9.49 -11.07
N VAL A 105 -25.52 10.54 -10.41
CA VAL A 105 -24.46 11.37 -10.91
C VAL A 105 -23.19 10.97 -10.14
N ASP A 106 -22.24 10.31 -10.83
CA ASP A 106 -20.96 9.89 -10.19
C ASP A 106 -19.76 10.73 -10.71
N ILE A 107 -18.64 10.66 -9.98
CA ILE A 107 -17.42 11.41 -10.29
C ILE A 107 -16.64 10.77 -11.44
N LYS A 108 -16.45 11.52 -12.51
CA LYS A 108 -15.70 11.10 -13.67
C LYS A 108 -14.20 11.05 -13.35
N ARG A 109 -13.53 10.00 -13.87
CA ARG A 109 -12.08 9.85 -13.73
C ARG A 109 -11.60 8.97 -14.86
N THR A 110 -10.27 8.85 -15.04
CA THR A 110 -9.74 8.00 -16.11
C THR A 110 -10.15 6.54 -15.89
N VAL A 111 -10.23 5.77 -16.99
CA VAL A 111 -10.58 4.34 -16.95
C VAL A 111 -9.52 3.61 -16.11
N ALA A 112 -9.98 2.72 -15.20
CA ALA A 112 -9.10 1.93 -14.36
C ALA A 112 -9.60 0.49 -14.36
N ALA A 113 -8.75 -0.40 -14.83
CA ALA A 113 -9.11 -1.81 -14.88
C ALA A 113 -9.06 -2.40 -13.47
N PRO A 114 -9.96 -3.35 -13.10
CA PRO A 114 -9.86 -3.94 -11.76
C PRO A 114 -8.68 -4.89 -11.62
N SER A 115 -8.13 -4.97 -10.41
CA SER A 115 -7.20 -6.01 -10.05
C SER A 115 -8.17 -7.12 -9.56
N VAL A 116 -8.01 -8.35 -10.07
CA VAL A 116 -8.93 -9.45 -9.75
C VAL A 116 -8.28 -10.47 -8.84
N PHE A 117 -9.05 -10.96 -7.85
CA PHE A 117 -8.56 -11.97 -6.89
C PHE A 117 -9.65 -12.98 -6.62
N ILE A 118 -9.28 -14.26 -6.53
CA ILE A 118 -10.23 -15.33 -6.21
C ILE A 118 -9.83 -15.98 -4.86
N PHE A 119 -10.81 -16.26 -4.01
CA PHE A 119 -10.57 -16.89 -2.70
C PHE A 119 -11.37 -18.17 -2.58
N PRO A 120 -10.70 -19.29 -2.28
CA PRO A 120 -11.44 -20.54 -2.06
C PRO A 120 -12.16 -20.54 -0.69
N PRO A 121 -13.15 -21.42 -0.45
CA PRO A 121 -13.73 -21.48 0.91
C PRO A 121 -12.66 -21.97 1.90
N SER A 122 -12.74 -21.50 3.15
CA SER A 122 -11.82 -21.92 4.22
C SER A 122 -12.19 -23.36 4.66
N ASP A 123 -11.21 -24.11 5.22
CA ASP A 123 -11.46 -25.45 5.76
C ASP A 123 -12.50 -25.36 6.89
N GLU A 124 -12.40 -24.28 7.71
CA GLU A 124 -13.31 -23.96 8.81
C GLU A 124 -14.76 -23.94 8.31
N GLN A 125 -15.05 -23.16 7.25
CA GLN A 125 -16.43 -23.08 6.71
C GLN A 125 -16.94 -24.43 6.19
N LEU A 126 -16.07 -25.20 5.53
CA LEU A 126 -16.46 -26.51 4.94
C LEU A 126 -17.07 -27.48 5.97
N LYS A 127 -16.60 -27.41 7.25
CA LYS A 127 -17.15 -28.19 8.37
C LYS A 127 -18.68 -27.99 8.56
N SER A 128 -19.25 -26.88 8.05
CA SER A 128 -20.65 -26.46 8.19
C SER A 128 -21.64 -26.94 7.10
N GLY A 129 -21.12 -27.51 6.01
CA GLY A 129 -21.96 -27.99 4.91
C GLY A 129 -22.16 -27.01 3.75
N THR A 130 -21.64 -25.77 3.88
CA THR A 130 -21.75 -24.73 2.84
C THR A 130 -20.32 -24.26 2.46
N ALA A 131 -20.13 -23.88 1.20
CA ALA A 131 -18.85 -23.40 0.67
C ALA A 131 -19.12 -22.05 0.00
N SER A 132 -18.34 -21.02 0.37
CA SER A 132 -18.47 -19.71 -0.24
C SER A 132 -17.14 -19.45 -1.00
N VAL A 133 -17.25 -19.20 -2.30
CA VAL A 133 -16.11 -18.89 -3.19
C VAL A 133 -16.25 -17.37 -3.49
N VAL A 134 -15.20 -16.59 -3.20
CA VAL A 134 -15.29 -15.12 -3.35
C VAL A 134 -14.35 -14.61 -4.47
N CYS A 135 -14.85 -13.70 -5.32
CA CYS A 135 -14.08 -13.04 -6.38
C CYS A 135 -14.09 -11.55 -6.06
N LEU A 136 -12.91 -10.93 -5.97
CA LEU A 136 -12.80 -9.50 -5.66
C LEU A 136 -12.32 -8.74 -6.90
N LEU A 137 -13.02 -7.65 -7.25
CA LEU A 137 -12.64 -6.74 -8.34
C LEU A 137 -12.27 -5.45 -7.61
N ASN A 138 -10.98 -5.17 -7.57
CA ASN A 138 -10.46 -4.06 -6.78
C ASN A 138 -10.18 -2.78 -7.57
N ASN A 139 -10.72 -1.65 -7.07
CA ASN A 139 -10.44 -0.28 -7.51
C ASN A 139 -10.55 -0.09 -9.00
N PHE A 140 -11.75 -0.21 -9.52
CA PHE A 140 -11.99 -0.03 -10.96
C PHE A 140 -12.93 1.14 -11.28
N TYR A 141 -12.90 1.58 -12.52
CA TYR A 141 -13.72 2.66 -13.05
C TYR A 141 -13.78 2.52 -14.58
N PRO A 142 -14.97 2.63 -15.21
CA PRO A 142 -16.30 2.93 -14.63
C PRO A 142 -16.92 1.76 -13.87
N ARG A 143 -18.11 2.02 -13.32
CA ARG A 143 -18.90 1.09 -12.56
C ARG A 143 -19.22 -0.23 -13.29
N GLU A 144 -19.55 -0.16 -14.60
CA GLU A 144 -19.91 -1.34 -15.39
C GLU A 144 -18.82 -2.41 -15.38
N ALA A 145 -19.14 -3.61 -14.91
CA ALA A 145 -18.23 -4.77 -14.86
C ALA A 145 -19.08 -6.02 -14.88
N LYS A 146 -18.60 -7.06 -15.58
CA LYS A 146 -19.31 -8.34 -15.68
C LYS A 146 -18.43 -9.40 -15.05
N VAL A 147 -19.02 -10.19 -14.14
CA VAL A 147 -18.34 -11.28 -13.44
C VAL A 147 -19.10 -12.53 -13.80
N GLN A 148 -18.37 -13.55 -14.28
CA GLN A 148 -18.99 -14.83 -14.61
C GLN A 148 -18.21 -15.93 -13.92
N TRP A 149 -18.92 -16.80 -13.18
CA TRP A 149 -18.32 -17.93 -12.49
C TRP A 149 -18.37 -19.17 -13.36
N LYS A 150 -17.29 -19.95 -13.34
CA LYS A 150 -17.16 -21.23 -14.04
C LYS A 150 -16.69 -22.29 -13.06
N VAL A 151 -17.35 -23.46 -13.05
CA VAL A 151 -17.01 -24.58 -12.20
C VAL A 151 -16.79 -25.77 -13.18
N ASP A 152 -15.53 -26.25 -13.32
CA ASP A 152 -15.15 -27.27 -14.33
C ASP A 152 -15.65 -26.84 -15.73
N ASN A 153 -15.43 -25.54 -16.06
CA ASN A 153 -15.77 -24.90 -17.33
C ASN A 153 -17.26 -24.72 -17.57
N ALA A 154 -18.11 -25.07 -16.60
CA ALA A 154 -19.55 -24.87 -16.72
C ALA A 154 -19.93 -23.48 -16.17
N LEU A 155 -20.50 -22.63 -17.03
CA LEU A 155 -20.98 -21.27 -16.69
C LEU A 155 -22.05 -21.38 -15.61
N GLN A 156 -21.86 -20.65 -14.51
CA GLN A 156 -22.79 -20.63 -13.36
C GLN A 156 -23.85 -19.57 -13.51
N SER A 157 -25.03 -19.84 -12.94
CA SER A 157 -26.16 -18.89 -12.95
C SER A 157 -27.07 -19.14 -11.73
N GLY A 158 -27.54 -18.06 -11.13
CA GLY A 158 -28.46 -18.09 -10.00
C GLY A 158 -27.92 -18.44 -8.63
N ASN A 159 -26.60 -18.71 -8.52
CA ASN A 159 -25.98 -19.11 -7.25
C ASN A 159 -24.89 -18.13 -6.78
N SER A 160 -24.93 -16.90 -7.30
CA SER A 160 -23.97 -15.87 -6.90
C SER A 160 -24.68 -14.54 -6.58
N GLN A 161 -24.05 -13.72 -5.74
CA GLN A 161 -24.53 -12.41 -5.35
C GLN A 161 -23.35 -11.46 -5.37
N GLU A 162 -23.57 -10.22 -5.87
CA GLU A 162 -22.56 -9.16 -5.95
C GLU A 162 -22.92 -8.01 -4.98
N SER A 163 -21.89 -7.35 -4.45
CA SER A 163 -21.99 -6.15 -3.60
C SER A 163 -20.91 -5.18 -4.11
N VAL A 164 -21.22 -3.89 -4.13
CA VAL A 164 -20.27 -2.87 -4.63
C VAL A 164 -20.10 -1.79 -3.56
N THR A 165 -18.89 -1.23 -3.45
CA THR A 165 -18.67 -0.13 -2.53
C THR A 165 -19.14 1.17 -3.17
N GLU A 166 -19.28 2.22 -2.34
CA GLU A 166 -19.58 3.56 -2.83
C GLU A 166 -18.28 4.08 -3.48
N GLN A 167 -18.40 5.02 -4.42
CA GLN A 167 -17.22 5.57 -5.09
C GLN A 167 -16.18 6.06 -4.06
N ASP A 168 -14.92 5.57 -4.15
CA ASP A 168 -13.84 5.88 -3.19
C ASP A 168 -13.58 7.39 -3.06
N SER A 169 -13.52 7.91 -1.81
CA SER A 169 -13.36 9.36 -1.57
C SER A 169 -12.02 9.92 -2.07
N LYS A 170 -10.97 9.06 -2.15
CA LYS A 170 -9.65 9.48 -2.61
C LYS A 170 -9.42 9.25 -4.10
N ASP A 171 -9.67 8.03 -4.62
CA ASP A 171 -9.36 7.78 -6.04
C ASP A 171 -10.60 7.62 -6.98
N SER A 172 -11.83 7.80 -6.48
CA SER A 172 -13.07 7.78 -7.28
C SER A 172 -13.35 6.42 -7.99
N THR A 173 -12.78 5.32 -7.46
CA THR A 173 -13.00 4.00 -8.01
C THR A 173 -14.09 3.25 -7.24
N TYR A 174 -14.47 2.09 -7.78
CA TYR A 174 -15.44 1.18 -7.20
C TYR A 174 -14.70 -0.12 -6.89
N SER A 175 -15.23 -0.91 -5.96
CA SER A 175 -14.72 -2.25 -5.73
C SER A 175 -15.93 -3.13 -5.66
N LEU A 176 -15.78 -4.40 -6.01
CA LEU A 176 -16.92 -5.31 -6.09
C LEU A 176 -16.54 -6.67 -5.58
N SER A 177 -17.48 -7.29 -4.84
CA SER A 177 -17.27 -8.65 -4.37
C SER A 177 -18.39 -9.47 -5.03
N SER A 178 -18.06 -10.66 -5.48
CA SER A 178 -19.06 -11.60 -5.99
C SER A 178 -18.85 -12.87 -5.21
N THR A 179 -19.92 -13.41 -4.63
CA THR A 179 -19.83 -14.61 -3.80
C THR A 179 -20.64 -15.70 -4.45
N LEU A 180 -19.99 -16.83 -4.71
CA LEU A 180 -20.61 -18.03 -5.27
C LEU A 180 -20.86 -18.95 -4.07
N THR A 181 -22.13 -19.35 -3.87
CA THR A 181 -22.47 -20.19 -2.73
C THR A 181 -22.88 -21.57 -3.23
N LEU A 182 -22.20 -22.59 -2.72
CA LEU A 182 -22.47 -23.99 -3.07
C LEU A 182 -22.58 -24.82 -1.81
N SER A 183 -23.21 -25.99 -1.90
CA SER A 183 -23.20 -26.91 -0.78
C SER A 183 -21.78 -27.50 -0.73
N LYS A 184 -21.33 -28.01 0.44
CA LYS A 184 -20.01 -28.65 0.59
C LYS A 184 -19.88 -29.84 -0.39
N ALA A 185 -20.97 -30.64 -0.54
CA ALA A 185 -21.04 -31.81 -1.43
C ALA A 185 -20.77 -31.41 -2.89
N ASP A 186 -21.46 -30.35 -3.38
CA ASP A 186 -21.26 -29.84 -4.75
C ASP A 186 -19.84 -29.31 -4.91
N TYR A 187 -19.33 -28.57 -3.91
CA TYR A 187 -17.97 -28.04 -3.94
C TYR A 187 -16.91 -29.17 -4.10
N GLU A 188 -17.12 -30.27 -3.38
CA GLU A 188 -16.21 -31.42 -3.39
C GLU A 188 -16.33 -32.29 -4.66
N LYS A 189 -17.40 -32.10 -5.43
CA LYS A 189 -17.66 -32.83 -6.69
C LYS A 189 -16.90 -32.23 -7.89
N HIS A 190 -16.37 -31.00 -7.76
CA HIS A 190 -15.71 -30.30 -8.87
C HIS A 190 -14.29 -29.85 -8.56
N LYS A 191 -13.48 -29.63 -9.62
CA LYS A 191 -12.07 -29.30 -9.40
C LYS A 191 -11.71 -27.83 -9.67
N VAL A 192 -12.02 -27.34 -10.89
CA VAL A 192 -11.64 -26.01 -11.35
C VAL A 192 -12.67 -24.94 -10.99
N TYR A 193 -12.26 -23.95 -10.19
CA TYR A 193 -13.10 -22.81 -9.81
C TYR A 193 -12.51 -21.56 -10.38
N ALA A 194 -13.28 -20.84 -11.20
CA ALA A 194 -12.78 -19.65 -11.85
C ALA A 194 -13.77 -18.50 -11.88
N CYS A 195 -13.27 -17.28 -11.84
CA CYS A 195 -14.13 -16.13 -12.08
C CYS A 195 -13.53 -15.32 -13.24
N GLU A 196 -14.36 -15.05 -14.25
CA GLU A 196 -13.99 -14.33 -15.45
C GLU A 196 -14.58 -12.94 -15.41
N VAL A 197 -13.70 -11.94 -15.55
CA VAL A 197 -14.05 -10.55 -15.43
C VAL A 197 -13.89 -9.80 -16.74
N THR A 198 -14.96 -9.11 -17.14
CA THR A 198 -15.01 -8.24 -18.32
C THR A 198 -15.15 -6.80 -17.81
N HIS A 199 -14.32 -5.87 -18.35
CA HIS A 199 -14.37 -4.44 -18.00
C HIS A 199 -13.75 -3.65 -19.15
N GLN A 200 -14.22 -2.43 -19.35
CA GLN A 200 -13.73 -1.49 -20.37
C GLN A 200 -12.18 -1.37 -20.37
N GLY A 201 -11.59 -1.34 -19.17
CA GLY A 201 -10.15 -1.19 -19.00
C GLY A 201 -9.30 -2.43 -19.24
N LEU A 202 -9.94 -3.58 -19.48
CA LEU A 202 -9.24 -4.84 -19.75
C LEU A 202 -9.30 -5.16 -21.24
N SER A 203 -8.12 -5.22 -21.89
CA SER A 203 -7.96 -5.53 -23.33
C SER A 203 -8.62 -6.88 -23.67
N SER A 204 -8.46 -7.86 -22.77
CA SER A 204 -9.05 -9.20 -22.85
C SER A 204 -9.71 -9.52 -21.51
N PRO A 205 -10.77 -10.38 -21.40
CA PRO A 205 -11.31 -10.73 -20.08
C PRO A 205 -10.24 -11.40 -19.22
N VAL A 206 -10.21 -11.08 -17.92
CA VAL A 206 -9.23 -11.64 -16.99
C VAL A 206 -9.88 -12.81 -16.24
N THR A 207 -9.19 -13.97 -16.20
CA THR A 207 -9.67 -15.14 -15.47
C THR A 207 -8.74 -15.45 -14.30
N LYS A 208 -9.30 -15.54 -13.07
CA LYS A 208 -8.57 -15.93 -11.88
C LYS A 208 -9.16 -17.27 -11.46
N SER A 209 -8.32 -18.25 -11.22
CA SER A 209 -8.81 -19.58 -10.89
C SER A 209 -7.99 -20.30 -9.86
N PHE A 210 -8.56 -21.40 -9.34
CA PHE A 210 -7.86 -22.30 -8.42
C PHE A 210 -8.39 -23.71 -8.62
N ASN A 211 -7.57 -24.68 -8.25
CA ASN A 211 -7.99 -26.08 -8.25
C ASN A 211 -8.19 -26.47 -6.79
N ARG A 212 -9.39 -26.98 -6.47
CA ARG A 212 -9.73 -27.42 -5.11
C ARG A 212 -8.70 -28.47 -4.64
N GLY A 213 -8.14 -28.25 -3.45
CA GLY A 213 -7.14 -29.14 -2.85
C GLY A 213 -5.72 -29.01 -3.37
N GLU A 214 -5.39 -27.86 -4.01
CA GLU A 214 -4.04 -27.57 -4.55
C GLU A 214 -3.44 -26.30 -3.93
N CYS A 215 -2.09 -26.19 -3.94
CA CYS A 215 -1.35 -25.03 -3.41
C CYS A 215 -0.19 -24.63 -4.32
N GLU B 1 -39.09 26.01 12.64
CA GLU B 1 -38.64 25.04 11.65
C GLU B 1 -39.61 23.85 11.55
N VAL B 2 -40.03 23.50 10.33
CA VAL B 2 -40.89 22.34 10.11
C VAL B 2 -40.04 21.06 10.21
N GLN B 3 -40.46 20.13 11.06
CA GLN B 3 -39.77 18.87 11.28
C GLN B 3 -40.76 17.71 11.32
N LEU B 4 -40.34 16.59 10.72
CA LEU B 4 -41.09 15.32 10.74
C LEU B 4 -40.14 14.33 11.42
N VAL B 5 -40.51 13.85 12.62
CA VAL B 5 -39.65 12.95 13.41
C VAL B 5 -40.26 11.57 13.42
N GLN B 6 -39.57 10.62 12.80
CA GLN B 6 -40.06 9.26 12.71
C GLN B 6 -39.55 8.39 13.87
N SER B 7 -40.27 7.29 14.16
CA SER B 7 -39.92 6.31 15.20
C SER B 7 -38.69 5.49 14.76
N GLY B 8 -38.08 4.82 15.74
CA GLY B 8 -36.84 4.06 15.55
C GLY B 8 -36.92 2.82 14.68
N ALA B 9 -35.74 2.30 14.32
CA ALA B 9 -35.57 1.11 13.50
C ALA B 9 -36.30 -0.08 14.13
N GLU B 10 -36.91 -0.90 13.27
CA GLU B 10 -37.69 -2.07 13.71
C GLU B 10 -37.15 -3.33 13.12
N VAL B 11 -37.10 -4.40 13.93
CA VAL B 11 -36.64 -5.72 13.50
C VAL B 11 -37.75 -6.68 13.90
N LYS B 12 -38.37 -7.31 12.91
CA LYS B 12 -39.56 -8.12 13.11
C LYS B 12 -39.51 -9.45 12.39
N MET B 13 -40.40 -10.37 12.79
CA MET B 13 -40.54 -11.66 12.13
C MET B 13 -41.76 -11.66 11.21
N PRO B 14 -41.79 -12.49 10.12
CA PRO B 14 -42.99 -12.54 9.29
C PRO B 14 -44.22 -12.92 10.12
N GLY B 15 -45.32 -12.22 9.86
CA GLY B 15 -46.59 -12.44 10.56
C GLY B 15 -46.84 -11.55 11.74
N GLU B 16 -45.80 -10.80 12.20
CA GLU B 16 -45.93 -9.86 13.32
C GLU B 16 -46.62 -8.56 12.85
N SER B 17 -47.37 -7.91 13.75
CA SER B 17 -47.98 -6.62 13.45
C SER B 17 -46.90 -5.54 13.74
N LEU B 18 -47.06 -4.34 13.16
CA LEU B 18 -46.14 -3.22 13.35
C LEU B 18 -46.82 -1.91 12.98
N ARG B 19 -46.66 -0.90 13.83
CA ARG B 19 -47.10 0.47 13.60
C ARG B 19 -45.89 1.40 13.76
N ILE B 20 -45.53 2.10 12.70
CA ILE B 20 -44.45 3.09 12.76
C ILE B 20 -45.12 4.48 12.75
N SER B 21 -44.48 5.45 13.39
CA SER B 21 -45.03 6.80 13.57
C SER B 21 -44.15 7.93 12.98
N CYS B 22 -44.78 9.06 12.76
CA CYS B 22 -44.18 10.25 12.21
C CYS B 22 -44.82 11.43 12.98
N LYS B 23 -44.07 12.01 13.91
CA LYS B 23 -44.58 13.14 14.71
C LYS B 23 -44.09 14.43 14.10
N VAL B 24 -45.02 15.33 13.82
CA VAL B 24 -44.68 16.59 13.18
C VAL B 24 -44.66 17.79 14.14
N SER B 25 -43.91 18.84 13.77
CA SER B 25 -43.82 20.09 14.50
C SER B 25 -43.47 21.26 13.58
N GLY B 26 -43.82 22.48 14.00
CA GLY B 26 -43.52 23.71 13.27
C GLY B 26 -44.56 24.22 12.30
N TYR B 27 -45.74 23.56 12.23
CA TYR B 27 -46.84 23.98 11.35
C TYR B 27 -48.16 23.36 11.83
N ASN B 28 -49.29 23.77 11.21
CA ASN B 28 -50.58 23.23 11.57
C ASN B 28 -50.79 21.89 10.83
N PHE B 29 -50.69 20.79 11.58
CA PHE B 29 -50.83 19.41 11.10
C PHE B 29 -52.04 19.14 10.19
N VAL B 30 -53.21 19.75 10.46
CA VAL B 30 -54.40 19.50 9.65
C VAL B 30 -54.45 20.32 8.33
N LYS B 31 -53.50 21.25 8.12
CA LYS B 31 -53.52 22.12 6.92
C LYS B 31 -52.73 21.54 5.71
N PHE B 32 -52.09 20.38 5.91
CA PHE B 32 -51.29 19.72 4.86
C PHE B 32 -51.48 18.22 4.90
N TRP B 33 -51.42 17.60 3.72
CA TRP B 33 -51.51 16.16 3.64
C TRP B 33 -50.14 15.59 4.05
N ILE B 34 -50.13 14.31 4.42
CA ILE B 34 -48.91 13.56 4.73
C ILE B 34 -48.86 12.38 3.77
N ALA B 35 -47.68 12.13 3.20
CA ALA B 35 -47.47 10.99 2.32
C ALA B 35 -46.48 10.00 2.97
N TRP B 36 -46.58 8.73 2.58
CA TRP B 36 -45.67 7.66 2.98
C TRP B 36 -45.04 7.14 1.70
N VAL B 37 -43.73 6.95 1.77
CA VAL B 37 -42.88 6.54 0.65
C VAL B 37 -42.02 5.36 1.12
N ARG B 38 -41.97 4.29 0.31
CA ARG B 38 -41.14 3.12 0.56
C ARG B 38 -39.88 3.17 -0.34
N GLN B 39 -38.74 2.80 0.25
CA GLN B 39 -37.51 2.65 -0.49
C GLN B 39 -36.85 1.34 -0.05
N LYS B 40 -36.89 0.33 -0.93
CA LYS B 40 -36.27 -0.98 -0.66
C LYS B 40 -34.74 -0.87 -0.69
N PRO B 41 -33.96 -1.76 0.01
CA PRO B 41 -32.49 -1.59 0.04
C PRO B 41 -31.86 -1.57 -1.35
N GLY B 42 -31.13 -0.47 -1.62
CA GLY B 42 -30.49 -0.22 -2.90
C GLY B 42 -31.43 0.05 -4.07
N LYS B 43 -32.73 0.33 -3.78
CA LYS B 43 -33.75 0.57 -4.81
C LYS B 43 -34.28 2.03 -4.79
N GLY B 44 -35.21 2.34 -5.70
CA GLY B 44 -35.78 3.68 -5.82
C GLY B 44 -36.95 3.93 -4.90
N LEU B 45 -37.58 5.11 -5.05
CA LEU B 45 -38.71 5.52 -4.23
C LEU B 45 -40.05 5.04 -4.80
N GLU B 46 -40.99 4.68 -3.92
CA GLU B 46 -42.34 4.28 -4.32
C GLU B 46 -43.33 4.97 -3.41
N TRP B 47 -44.35 5.58 -4.00
CA TRP B 47 -45.40 6.27 -3.26
C TRP B 47 -46.41 5.24 -2.72
N MET B 48 -46.66 5.23 -1.41
CA MET B 48 -47.59 4.28 -0.78
C MET B 48 -49.02 4.82 -0.67
N GLY B 49 -49.12 6.07 -0.25
CA GLY B 49 -50.41 6.69 -0.05
C GLY B 49 -50.29 8.02 0.63
N VAL B 50 -51.43 8.65 0.86
CA VAL B 50 -51.51 9.96 1.49
C VAL B 50 -52.69 10.00 2.46
N ILE B 51 -52.62 10.90 3.42
CA ILE B 51 -53.70 11.14 4.38
C ILE B 51 -53.80 12.65 4.66
N HIS B 52 -55.04 13.14 4.77
CA HIS B 52 -55.30 14.50 5.20
C HIS B 52 -55.65 14.34 6.68
N PRO B 53 -54.76 14.74 7.62
CA PRO B 53 -55.05 14.55 9.05
C PRO B 53 -56.37 15.19 9.48
N GLY B 54 -57.16 14.47 10.28
CA GLY B 54 -58.47 14.95 10.70
C GLY B 54 -59.58 14.25 9.95
N ASP B 55 -59.79 14.62 8.65
CA ASP B 55 -60.78 13.93 7.80
C ASP B 55 -60.15 12.63 7.31
N SER B 56 -59.82 11.77 8.30
CA SER B 56 -59.15 10.48 8.17
C SER B 56 -59.92 9.50 7.28
N ASP B 57 -59.62 9.64 5.99
CA ASP B 57 -60.05 8.90 4.80
C ASP B 57 -58.73 8.86 4.04
N SER B 58 -58.11 7.68 3.95
CA SER B 58 -56.78 7.63 3.36
C SER B 58 -56.85 7.27 1.88
N THR B 59 -55.89 7.75 1.08
CA THR B 59 -55.77 7.45 -0.36
C THR B 59 -54.52 6.59 -0.55
N TYR B 60 -54.68 5.43 -1.21
CA TYR B 60 -53.59 4.49 -1.40
C TYR B 60 -53.20 4.30 -2.84
N ASN B 61 -51.94 3.91 -3.03
CA ASN B 61 -51.43 3.46 -4.31
C ASN B 61 -52.12 2.06 -4.40
N PRO B 62 -52.86 1.73 -5.49
CA PRO B 62 -53.55 0.43 -5.55
C PRO B 62 -52.69 -0.80 -5.25
N SER B 63 -51.39 -0.77 -5.61
CA SER B 63 -50.46 -1.89 -5.36
C SER B 63 -50.15 -2.11 -3.86
N PHE B 64 -50.37 -1.07 -3.02
CA PHE B 64 -50.13 -1.13 -1.57
C PHE B 64 -51.38 -1.36 -0.74
N GLN B 65 -52.54 -0.91 -1.25
CA GLN B 65 -53.83 -1.02 -0.57
C GLN B 65 -54.13 -2.46 -0.09
N GLY B 66 -54.69 -2.57 1.11
CA GLY B 66 -55.08 -3.84 1.70
C GLY B 66 -54.03 -4.50 2.58
N HIS B 67 -52.72 -4.31 2.28
CA HIS B 67 -51.64 -4.90 3.09
C HIS B 67 -51.15 -3.94 4.18
N VAL B 68 -51.32 -2.64 3.96
CA VAL B 68 -50.87 -1.59 4.88
C VAL B 68 -51.97 -0.56 5.07
N SER B 69 -51.98 0.09 6.23
CA SER B 69 -52.95 1.12 6.59
C SER B 69 -52.23 2.40 6.97
N ILE B 70 -52.81 3.52 6.53
CA ILE B 70 -52.32 4.85 6.86
C ILE B 70 -53.38 5.50 7.71
N SER B 71 -52.97 6.09 8.83
CA SER B 71 -53.90 6.77 9.72
C SER B 71 -53.16 7.94 10.36
N ALA B 72 -53.89 8.79 11.08
CA ALA B 72 -53.32 9.93 11.78
C ALA B 72 -54.14 10.28 13.03
N ASP B 73 -53.47 10.84 14.04
CA ASP B 73 -54.09 11.30 15.26
C ASP B 73 -53.73 12.78 15.39
N LYS B 74 -54.63 13.65 14.89
CA LYS B 74 -54.44 15.12 14.89
C LYS B 74 -54.22 15.70 16.29
N SER B 75 -54.78 15.04 17.32
CA SER B 75 -54.63 15.45 18.72
C SER B 75 -53.15 15.41 19.16
N ILE B 76 -52.33 14.51 18.58
CA ILE B 76 -50.91 14.42 18.96
C ILE B 76 -49.93 14.67 17.76
N ASN B 77 -50.41 15.31 16.67
CA ASN B 77 -49.58 15.69 15.49
C ASN B 77 -48.82 14.48 14.93
N THR B 78 -49.44 13.31 14.92
CA THR B 78 -48.77 12.08 14.48
C THR B 78 -49.52 11.35 13.37
N ALA B 79 -48.74 10.91 12.35
CA ALA B 79 -49.20 10.10 11.24
C ALA B 79 -48.59 8.71 11.44
N TYR B 80 -49.31 7.69 11.01
CA TYR B 80 -48.94 6.28 11.16
C TYR B 80 -48.96 5.49 9.87
N LEU B 81 -48.07 4.48 9.82
CA LEU B 81 -48.02 3.48 8.78
C LEU B 81 -48.13 2.12 9.56
N GLN B 82 -49.12 1.31 9.22
CA GLN B 82 -49.43 0.12 10.01
C GLN B 82 -49.67 -1.17 9.22
N TRP B 83 -49.06 -2.30 9.67
CA TRP B 83 -49.25 -3.63 9.08
C TRP B 83 -49.81 -4.57 10.15
N ASN B 84 -50.80 -5.41 9.77
CA ASN B 84 -51.34 -6.42 10.69
C ASN B 84 -50.48 -7.71 10.65
N SER B 85 -49.87 -8.01 9.48
CA SER B 85 -49.04 -9.21 9.30
C SER B 85 -47.89 -8.94 8.31
N LEU B 86 -46.67 -8.71 8.84
CA LEU B 86 -45.49 -8.40 8.03
C LEU B 86 -45.03 -9.56 7.16
N LYS B 87 -44.38 -9.23 6.04
CA LYS B 87 -43.79 -10.20 5.14
C LYS B 87 -42.29 -9.79 5.00
N ALA B 88 -41.39 -10.74 4.70
CA ALA B 88 -39.97 -10.43 4.50
C ALA B 88 -39.84 -9.36 3.39
N SER B 89 -40.81 -9.33 2.42
CA SER B 89 -40.89 -8.35 1.33
C SER B 89 -41.16 -6.90 1.82
N ASP B 90 -41.54 -6.72 3.10
CA ASP B 90 -41.74 -5.39 3.70
C ASP B 90 -40.41 -4.79 4.21
N THR B 91 -39.29 -5.54 4.12
CA THR B 91 -37.98 -5.04 4.53
C THR B 91 -37.63 -3.85 3.60
N ALA B 92 -37.50 -2.66 4.19
CA ALA B 92 -37.27 -1.40 3.46
C ALA B 92 -37.13 -0.26 4.42
N MET B 93 -36.77 0.92 3.86
CA MET B 93 -36.76 2.18 4.54
C MET B 93 -38.12 2.84 4.21
N TYR B 94 -38.79 3.43 5.23
CA TYR B 94 -40.05 4.13 5.07
C TYR B 94 -39.91 5.59 5.46
N PHE B 95 -40.39 6.49 4.60
CA PHE B 95 -40.35 7.93 4.87
C PHE B 95 -41.74 8.49 4.93
N CYS B 96 -41.98 9.44 5.85
CA CYS B 96 -43.21 10.21 5.85
C CYS B 96 -42.73 11.59 5.27
N ALA B 97 -43.64 12.30 4.62
CA ALA B 97 -43.30 13.59 4.02
C ALA B 97 -44.51 14.47 3.96
N ARG B 98 -44.30 15.76 4.19
CA ARG B 98 -45.37 16.75 4.12
C ARG B 98 -45.60 17.09 2.65
N VAL B 99 -46.86 17.09 2.24
CA VAL B 99 -47.25 17.42 0.86
C VAL B 99 -47.56 18.94 0.77
N VAL B 100 -47.12 19.61 -0.31
CA VAL B 100 -47.47 21.02 -0.56
C VAL B 100 -48.34 21.12 -1.81
N GLY B 101 -49.23 22.10 -1.83
CA GLY B 101 -50.13 22.31 -2.96
C GLY B 101 -50.62 23.74 -3.07
N ASP B 102 -51.69 23.94 -3.84
CA ASP B 102 -52.24 25.29 -4.04
C ASP B 102 -52.98 25.80 -2.81
N ARG B 103 -53.18 27.13 -2.76
CA ARG B 103 -53.85 27.84 -1.65
C ARG B 103 -55.25 28.33 -2.06
N GLU B 104 -55.82 27.79 -3.17
CA GLU B 104 -57.07 28.27 -3.76
C GLU B 104 -58.20 27.23 -3.88
N GLY B 105 -58.05 26.10 -3.22
CA GLY B 105 -59.05 25.04 -3.22
C GLY B 105 -59.19 24.24 -4.51
N PHE B 106 -58.11 24.19 -5.34
CA PHE B 106 -58.11 23.41 -6.58
C PHE B 106 -57.89 21.93 -6.31
N GLY B 107 -57.26 21.62 -5.18
CA GLY B 107 -56.93 20.26 -4.79
C GLY B 107 -55.70 19.77 -5.53
N TYR B 108 -54.82 20.70 -5.95
CA TYR B 108 -53.55 20.41 -6.64
C TYR B 108 -52.49 20.15 -5.59
N HIS B 109 -51.58 19.21 -5.90
CA HIS B 109 -50.43 18.87 -5.05
C HIS B 109 -49.20 18.99 -5.93
N TYR B 110 -48.14 19.61 -5.39
CA TYR B 110 -46.89 19.85 -6.12
C TYR B 110 -45.77 18.88 -5.80
N GLY B 111 -45.72 18.40 -4.57
CA GLY B 111 -44.61 17.54 -4.16
C GLY B 111 -44.50 17.44 -2.66
N LEU B 112 -43.41 16.80 -2.20
CA LEU B 112 -43.12 16.53 -0.79
C LEU B 112 -42.01 17.48 -0.34
N ASP B 113 -42.39 18.57 0.35
CA ASP B 113 -41.39 19.62 0.65
C ASP B 113 -40.52 19.37 1.87
N VAL B 114 -40.99 18.59 2.87
CA VAL B 114 -40.23 18.30 4.10
C VAL B 114 -40.39 16.82 4.35
N TRP B 115 -39.28 16.14 4.57
CA TRP B 115 -39.28 14.69 4.78
C TRP B 115 -38.80 14.31 6.17
N GLY B 116 -39.35 13.22 6.70
CA GLY B 116 -38.89 12.61 7.94
C GLY B 116 -37.53 11.99 7.68
N GLN B 117 -36.80 11.56 8.73
CA GLN B 117 -35.46 11.00 8.59
C GLN B 117 -35.48 9.53 8.09
N GLY B 118 -36.68 8.92 8.01
CA GLY B 118 -36.86 7.54 7.61
C GLY B 118 -36.77 6.56 8.76
N THR B 119 -37.47 5.41 8.64
CA THR B 119 -37.47 4.34 9.62
C THR B 119 -37.13 3.03 8.89
N THR B 120 -36.08 2.33 9.32
CA THR B 120 -35.74 1.07 8.69
C THR B 120 -36.60 -0.02 9.32
N VAL B 121 -37.15 -0.88 8.49
CA VAL B 121 -37.91 -2.04 8.92
C VAL B 121 -37.23 -3.28 8.33
N THR B 122 -36.76 -4.20 9.20
CA THR B 122 -36.17 -5.46 8.75
C THR B 122 -37.14 -6.58 9.14
N VAL B 123 -37.58 -7.38 8.15
CA VAL B 123 -38.49 -8.49 8.40
C VAL B 123 -37.80 -9.80 7.98
N SER B 124 -37.59 -10.68 8.98
CA SER B 124 -36.85 -11.94 8.84
C SER B 124 -37.28 -12.99 9.87
N SER B 125 -37.18 -14.27 9.49
CA SER B 125 -37.47 -15.39 10.40
C SER B 125 -36.33 -15.55 11.44
N ALA B 126 -35.17 -14.92 11.19
CA ALA B 126 -34.02 -15.04 12.08
C ALA B 126 -34.15 -14.30 13.43
N SER B 127 -33.47 -14.85 14.44
CA SER B 127 -33.32 -14.27 15.77
C SER B 127 -31.88 -13.69 15.83
N THR B 128 -31.56 -12.88 16.85
CA THR B 128 -30.19 -12.34 17.03
C THR B 128 -29.14 -13.46 16.97
N LYS B 129 -28.09 -13.27 16.16
CA LYS B 129 -27.07 -14.30 15.95
C LYS B 129 -25.78 -13.61 15.53
N GLY B 130 -24.71 -13.97 16.24
CA GLY B 130 -23.37 -13.45 15.99
C GLY B 130 -22.80 -14.11 14.75
N PRO B 131 -21.86 -13.43 14.04
CA PRO B 131 -21.30 -14.03 12.81
C PRO B 131 -20.22 -15.07 13.02
N SER B 132 -20.05 -15.93 11.99
CA SER B 132 -18.92 -16.83 11.83
C SER B 132 -17.96 -16.00 10.96
N VAL B 133 -16.68 -16.02 11.27
CA VAL B 133 -15.70 -15.21 10.54
C VAL B 133 -14.70 -16.18 9.89
N PHE B 134 -14.65 -16.17 8.54
CA PHE B 134 -13.74 -17.05 7.80
C PHE B 134 -12.66 -16.28 7.07
N PRO B 135 -11.40 -16.78 7.02
CA PRO B 135 -10.37 -16.04 6.28
C PRO B 135 -10.57 -16.12 4.75
N LEU B 136 -10.22 -15.03 4.08
CA LEU B 136 -10.15 -14.92 2.61
C LEU B 136 -8.63 -14.89 2.39
N ALA B 137 -8.04 -16.10 2.32
CA ALA B 137 -6.59 -16.26 2.32
C ALA B 137 -5.93 -15.90 1.01
N PRO B 138 -4.82 -15.10 1.13
CA PRO B 138 -4.11 -14.62 -0.06
C PRO B 138 -3.51 -15.71 -0.92
N SER B 139 -3.57 -15.52 -2.23
CA SER B 139 -3.04 -16.46 -3.22
C SER B 139 -1.50 -16.50 -3.21
N SER B 140 -0.94 -17.56 -3.84
CA SER B 140 0.48 -17.74 -4.14
C SER B 140 0.57 -17.09 -5.56
N LYS B 141 0.63 -15.75 -5.59
CA LYS B 141 0.67 -14.96 -6.82
C LYS B 141 1.53 -13.71 -6.68
N GLY B 145 2.14 -6.24 -10.45
CA GLY B 145 2.87 -5.18 -9.78
C GLY B 145 3.25 -5.47 -8.33
N GLY B 146 2.93 -6.67 -7.84
CA GLY B 146 3.27 -7.09 -6.49
C GLY B 146 2.26 -6.73 -5.43
N THR B 147 0.95 -6.78 -5.78
CA THR B 147 -0.13 -6.54 -4.82
C THR B 147 -0.84 -7.85 -4.54
N ALA B 148 -1.13 -8.09 -3.27
CA ALA B 148 -1.88 -9.27 -2.84
C ALA B 148 -3.17 -8.79 -2.20
N ALA B 149 -4.21 -9.64 -2.21
CA ALA B 149 -5.44 -9.31 -1.51
C ALA B 149 -5.69 -10.35 -0.44
N LEU B 150 -6.27 -9.94 0.67
CA LEU B 150 -6.69 -10.84 1.73
C LEU B 150 -7.94 -10.22 2.39
N GLY B 151 -8.64 -11.01 3.19
CA GLY B 151 -9.84 -10.51 3.82
C GLY B 151 -10.48 -11.46 4.82
N CYS B 152 -11.69 -11.11 5.21
CA CYS B 152 -12.53 -11.88 6.11
C CYS B 152 -13.95 -11.95 5.59
N LEU B 153 -14.53 -13.16 5.57
CA LEU B 153 -15.93 -13.37 5.20
C LEU B 153 -16.69 -13.46 6.54
N VAL B 154 -17.56 -12.46 6.78
CA VAL B 154 -18.37 -12.27 8.00
C VAL B 154 -19.73 -12.84 7.62
N LYS B 155 -19.97 -14.09 8.00
CA LYS B 155 -21.15 -14.81 7.55
C LYS B 155 -22.19 -15.16 8.61
N ASP B 156 -23.48 -15.15 8.19
CA ASP B 156 -24.61 -15.65 8.97
C ASP B 156 -24.82 -14.96 10.31
N TYR B 157 -25.03 -13.64 10.25
CA TYR B 157 -25.34 -12.84 11.43
C TYR B 157 -26.66 -12.11 11.27
N PHE B 158 -27.21 -11.66 12.39
CA PHE B 158 -28.46 -10.93 12.38
C PHE B 158 -28.65 -10.21 13.72
N PRO B 159 -29.18 -8.96 13.72
CA PRO B 159 -29.50 -8.12 12.55
C PRO B 159 -28.24 -7.30 12.16
N GLU B 160 -28.40 -6.32 11.25
CA GLU B 160 -27.31 -5.41 10.90
C GLU B 160 -27.14 -4.45 12.09
N PRO B 161 -25.95 -3.84 12.33
CA PRO B 161 -24.71 -3.92 11.55
C PRO B 161 -23.57 -4.69 12.21
N VAL B 162 -22.50 -4.90 11.44
CA VAL B 162 -21.23 -5.42 11.93
C VAL B 162 -20.23 -4.31 11.59
N THR B 163 -19.16 -4.19 12.37
CA THR B 163 -18.06 -3.29 12.01
C THR B 163 -16.85 -4.18 11.81
N VAL B 164 -15.95 -3.79 10.89
CA VAL B 164 -14.70 -4.50 10.66
C VAL B 164 -13.56 -3.48 10.63
N SER B 165 -12.50 -3.75 11.37
CA SER B 165 -11.28 -2.94 11.34
C SER B 165 -10.15 -3.93 11.06
N TRP B 166 -8.98 -3.44 10.67
CA TRP B 166 -7.84 -4.31 10.40
C TRP B 166 -6.68 -3.89 11.30
N ASN B 167 -5.98 -4.88 11.88
CA ASN B 167 -4.83 -4.65 12.80
C ASN B 167 -5.13 -3.60 13.87
N SER B 168 -6.33 -3.71 14.47
CA SER B 168 -6.85 -2.80 15.51
C SER B 168 -6.96 -1.33 15.07
N GLY B 169 -7.22 -1.11 13.78
CA GLY B 169 -7.39 0.22 13.21
C GLY B 169 -6.12 0.85 12.67
N ALA B 170 -4.98 0.16 12.79
CA ALA B 170 -3.70 0.67 12.27
C ALA B 170 -3.64 0.53 10.74
N LEU B 171 -4.40 -0.44 10.18
CA LEU B 171 -4.44 -0.68 8.74
C LEU B 171 -5.76 -0.14 8.18
N THR B 172 -5.67 0.98 7.44
CA THR B 172 -6.83 1.63 6.83
C THR B 172 -6.72 1.74 5.30
N SER B 173 -5.50 2.00 4.78
CA SER B 173 -5.26 2.15 3.34
C SER B 173 -5.56 0.85 2.59
N GLY B 174 -6.33 0.97 1.51
CA GLY B 174 -6.66 -0.20 0.70
C GLY B 174 -7.75 -1.10 1.26
N VAL B 175 -8.39 -0.71 2.37
CA VAL B 175 -9.47 -1.51 2.96
C VAL B 175 -10.80 -1.24 2.25
N HIS B 176 -11.56 -2.32 1.97
CA HIS B 176 -12.95 -2.25 1.46
C HIS B 176 -13.82 -3.21 2.24
N THR B 177 -14.80 -2.66 2.97
CA THR B 177 -15.78 -3.44 3.71
C THR B 177 -17.06 -3.26 2.87
N PHE B 178 -17.54 -4.36 2.29
CA PHE B 178 -18.69 -4.33 1.41
C PHE B 178 -20.02 -4.21 2.14
N PRO B 179 -21.07 -3.65 1.50
CA PRO B 179 -22.39 -3.65 2.17
C PRO B 179 -22.84 -5.11 2.34
N ALA B 180 -23.58 -5.40 3.41
CA ALA B 180 -24.08 -6.74 3.66
C ALA B 180 -25.20 -7.07 2.71
N VAL B 181 -25.32 -8.36 2.35
CA VAL B 181 -26.43 -8.89 1.55
C VAL B 181 -27.29 -9.74 2.48
N LEU B 182 -28.62 -9.60 2.36
CA LEU B 182 -29.54 -10.43 3.15
C LEU B 182 -29.71 -11.73 2.36
N GLN B 183 -29.24 -12.86 2.91
CA GLN B 183 -29.32 -14.18 2.28
C GLN B 183 -30.76 -14.72 2.40
N SER B 184 -31.10 -15.73 1.58
CA SER B 184 -32.43 -16.39 1.58
C SER B 184 -32.80 -17.00 2.96
N SER B 185 -31.79 -17.33 3.78
CA SER B 185 -31.93 -17.87 5.14
C SER B 185 -32.40 -16.79 6.15
N GLY B 186 -32.39 -15.52 5.74
CA GLY B 186 -32.75 -14.40 6.61
C GLY B 186 -31.58 -13.89 7.43
N LEU B 187 -30.35 -14.36 7.15
CA LEU B 187 -29.15 -13.90 7.84
C LEU B 187 -28.31 -13.08 6.87
N TYR B 188 -27.54 -12.12 7.39
CA TYR B 188 -26.67 -11.29 6.56
C TYR B 188 -25.30 -11.90 6.37
N SER B 189 -24.61 -11.43 5.31
CA SER B 189 -23.26 -11.80 4.99
C SER B 189 -22.56 -10.65 4.35
N LEU B 190 -21.31 -10.47 4.69
CA LEU B 190 -20.47 -9.46 4.07
C LEU B 190 -19.01 -9.90 4.06
N SER B 191 -18.23 -9.29 3.19
CA SER B 191 -16.78 -9.50 3.17
C SER B 191 -16.09 -8.17 3.41
N SER B 192 -14.92 -8.22 4.02
CA SER B 192 -14.04 -7.08 4.23
C SER B 192 -12.69 -7.51 3.68
N VAL B 193 -12.14 -6.70 2.79
CA VAL B 193 -10.87 -7.04 2.11
C VAL B 193 -9.87 -5.90 2.24
N VAL B 194 -8.60 -6.23 1.98
CA VAL B 194 -7.51 -5.24 1.98
C VAL B 194 -6.48 -5.67 0.95
N THR B 195 -5.97 -4.72 0.16
CA THR B 195 -4.86 -5.01 -0.76
C THR B 195 -3.59 -4.55 -0.07
N VAL B 196 -2.55 -5.39 -0.14
CA VAL B 196 -1.30 -5.11 0.57
C VAL B 196 -0.12 -5.49 -0.36
N PRO B 197 1.14 -5.07 -0.07
CA PRO B 197 2.26 -5.56 -0.88
C PRO B 197 2.40 -7.07 -0.68
N SER B 198 2.57 -7.81 -1.77
CA SER B 198 2.71 -9.26 -1.74
C SER B 198 3.92 -9.67 -0.89
N SER B 199 4.98 -8.82 -0.83
CA SER B 199 6.17 -9.10 -0.03
C SER B 199 5.89 -9.06 1.47
N SER B 200 4.78 -8.42 1.90
CA SER B 200 4.42 -8.34 3.31
C SER B 200 3.76 -9.65 3.84
N LEU B 201 3.32 -10.56 2.95
CA LEU B 201 2.67 -11.82 3.35
C LEU B 201 3.65 -12.71 4.11
N GLY B 202 3.29 -13.13 5.32
CA GLY B 202 4.18 -13.95 6.13
C GLY B 202 5.19 -13.17 6.97
N THR B 203 5.45 -11.87 6.63
CA THR B 203 6.28 -11.01 7.49
C THR B 203 5.41 -10.07 8.33
N GLN B 204 4.25 -9.64 7.80
CA GLN B 204 3.33 -8.75 8.50
C GLN B 204 2.10 -9.55 8.92
N THR B 205 1.66 -9.36 10.16
CA THR B 205 0.48 -10.03 10.69
C THR B 205 -0.74 -9.24 10.21
N TYR B 206 -1.78 -9.96 9.75
CA TYR B 206 -3.03 -9.34 9.33
C TYR B 206 -4.18 -9.95 10.10
N ILE B 207 -4.87 -9.12 10.86
CA ILE B 207 -6.00 -9.55 11.69
C ILE B 207 -7.20 -8.67 11.38
N CYS B 208 -8.37 -9.29 11.18
CA CYS B 208 -9.58 -8.49 11.00
C CYS B 208 -10.31 -8.53 12.34
N ASN B 209 -10.74 -7.37 12.83
CA ASN B 209 -11.43 -7.23 14.12
C ASN B 209 -12.90 -6.98 13.80
N VAL B 210 -13.71 -8.00 14.01
CA VAL B 210 -15.15 -7.98 13.71
C VAL B 210 -15.90 -7.72 15.03
N ASN B 211 -16.89 -6.82 14.99
CA ASN B 211 -17.73 -6.52 16.13
C ASN B 211 -19.20 -6.53 15.71
N HIS B 212 -20.01 -7.39 16.34
CA HIS B 212 -21.45 -7.45 16.10
C HIS B 212 -22.13 -7.07 17.43
N LYS B 213 -22.29 -5.75 17.65
CA LYS B 213 -22.88 -5.17 18.87
C LYS B 213 -24.23 -5.84 19.27
N PRO B 214 -25.25 -6.07 18.37
CA PRO B 214 -26.50 -6.72 18.83
C PRO B 214 -26.37 -8.06 19.54
N SER B 215 -25.34 -8.86 19.21
CA SER B 215 -25.11 -10.17 19.84
C SER B 215 -23.94 -10.13 20.83
N ASN B 216 -23.31 -8.94 21.04
CA ASN B 216 -22.13 -8.75 21.89
C ASN B 216 -21.00 -9.73 21.49
N THR B 217 -20.79 -9.87 20.16
CA THR B 217 -19.80 -10.75 19.55
C THR B 217 -18.63 -9.93 19.05
N LYS B 218 -17.44 -10.31 19.49
CA LYS B 218 -16.17 -9.73 19.06
C LYS B 218 -15.29 -10.88 18.63
N VAL B 219 -14.86 -10.86 17.36
CA VAL B 219 -14.00 -11.91 16.79
C VAL B 219 -12.76 -11.24 16.20
N ASP B 220 -11.56 -11.75 16.53
CA ASP B 220 -10.30 -11.31 15.95
C ASP B 220 -9.79 -12.50 15.15
N LYS B 221 -9.77 -12.38 13.81
CA LYS B 221 -9.36 -13.47 12.95
C LYS B 221 -8.05 -13.16 12.23
N ARG B 222 -7.03 -13.97 12.50
CA ARG B 222 -5.74 -13.85 11.84
C ARG B 222 -5.89 -14.43 10.43
N VAL B 223 -5.44 -13.69 9.41
CA VAL B 223 -5.56 -14.11 8.02
C VAL B 223 -4.17 -14.36 7.46
N GLU B 224 -3.88 -15.62 7.14
CA GLU B 224 -2.56 -16.02 6.64
C GLU B 224 -2.63 -16.73 5.28
N PRO B 225 -1.51 -16.75 4.51
CA PRO B 225 -1.50 -17.58 3.28
C PRO B 225 -1.64 -19.04 3.71
N LYS B 226 -2.45 -19.84 2.98
CA LYS B 226 -2.70 -21.25 3.30
C LYS B 226 -1.45 -22.09 3.03
N SER B 227 -1.03 -22.89 4.02
CA SER B 227 0.14 -23.77 3.89
C SER B 227 -0.21 -25.08 3.16
N CYS B 228 0.78 -25.69 2.48
CA CYS B 228 0.63 -26.94 1.73
C CYS B 228 0.41 -28.16 2.63
N GLU C 1 35.54 4.15 30.65
CA GLU C 1 35.32 3.55 29.33
C GLU C 1 36.42 3.95 28.34
N VAL C 2 37.00 2.97 27.62
CA VAL C 2 38.02 3.23 26.60
C VAL C 2 37.29 3.73 25.34
N GLN C 3 37.71 4.91 24.84
CA GLN C 3 37.14 5.53 23.64
C GLN C 3 38.23 6.04 22.73
N LEU C 4 38.02 5.86 21.42
CA LEU C 4 38.90 6.37 20.37
C LEU C 4 38.00 7.31 19.54
N VAL C 5 38.30 8.62 19.58
CA VAL C 5 37.46 9.61 18.88
C VAL C 5 38.23 10.17 17.68
N GLN C 6 37.73 9.89 16.47
CA GLN C 6 38.36 10.38 15.24
C GLN C 6 37.79 11.72 14.77
N SER C 7 38.57 12.40 13.92
CA SER C 7 38.18 13.64 13.28
C SER C 7 37.08 13.39 12.21
N GLY C 8 36.34 14.44 11.86
CA GLY C 8 35.19 14.43 10.98
C GLY C 8 35.43 14.10 9.52
N ALA C 9 34.33 13.88 8.79
CA ALA C 9 34.32 13.55 7.36
C ALA C 9 35.06 14.59 6.52
N GLU C 10 35.77 14.13 5.49
CA GLU C 10 36.60 15.01 4.65
C GLU C 10 36.30 14.85 3.17
N VAL C 11 36.32 15.97 2.44
CA VAL C 11 36.11 16.00 1.00
C VAL C 11 37.31 16.78 0.43
N LYS C 12 38.12 16.13 -0.42
CA LYS C 12 39.35 16.72 -0.92
C LYS C 12 39.55 16.50 -2.44
N MET C 13 40.48 17.27 -3.01
CA MET C 13 40.87 17.09 -4.41
C MET C 13 42.24 16.37 -4.45
N PRO C 14 42.59 15.64 -5.55
CA PRO C 14 43.92 15.02 -5.63
C PRO C 14 45.03 16.07 -5.50
N GLY C 15 46.08 15.72 -4.77
CA GLY C 15 47.21 16.61 -4.51
C GLY C 15 47.10 17.37 -3.19
N GLU C 16 45.91 17.31 -2.55
CA GLU C 16 45.68 17.99 -1.29
C GLU C 16 46.21 17.14 -0.12
N SER C 17 46.62 17.79 0.95
CA SER C 17 47.07 17.09 2.15
C SER C 17 45.89 16.84 3.08
N LEU C 18 46.04 15.86 3.94
CA LEU C 18 45.03 15.53 4.93
C LEU C 18 45.66 14.80 6.09
N ARG C 19 45.30 15.21 7.31
CA ARG C 19 45.71 14.57 8.55
C ARG C 19 44.45 14.23 9.33
N ILE C 20 44.20 12.93 9.50
CA ILE C 20 43.09 12.41 10.30
C ILE C 20 43.67 12.21 11.73
N SER C 21 42.90 12.57 12.75
CA SER C 21 43.33 12.35 14.11
C SER C 21 42.43 11.32 14.79
N CYS C 22 42.98 10.72 15.81
CA CYS C 22 42.35 9.72 16.65
C CYS C 22 42.78 10.04 18.10
N LYS C 23 41.88 10.67 18.87
CA LYS C 23 42.17 11.06 20.25
C LYS C 23 41.60 10.01 21.17
N VAL C 24 42.42 9.50 22.04
CA VAL C 24 42.03 8.41 22.92
C VAL C 24 41.77 8.88 24.37
N SER C 25 40.97 8.11 25.09
CA SER C 25 40.67 8.33 26.50
C SER C 25 40.30 7.01 27.20
N GLY C 26 40.48 6.98 28.52
CA GLY C 26 40.12 5.83 29.36
C GLY C 26 41.20 4.81 29.64
N TYR C 27 42.45 5.04 29.15
CA TYR C 27 43.58 4.13 29.39
C TYR C 27 44.91 4.86 29.16
N ASN C 28 46.02 4.20 29.47
CA ASN C 28 47.34 4.79 29.28
C ASN C 28 47.78 4.60 27.83
N PHE C 29 47.73 5.70 27.07
CA PHE C 29 48.07 5.77 25.64
C PHE C 29 49.38 5.08 25.24
N VAL C 30 50.43 5.18 26.05
CA VAL C 30 51.73 4.57 25.70
C VAL C 30 51.82 3.05 26.01
N LYS C 31 50.79 2.46 26.66
CA LYS C 31 50.82 1.03 27.02
C LYS C 31 50.26 0.08 25.95
N PHE C 32 49.74 0.65 24.85
CA PHE C 32 49.14 -0.10 23.75
C PHE C 32 49.52 0.48 22.39
N TRP C 33 49.68 -0.38 21.39
CA TRP C 33 49.91 0.04 20.01
C TRP C 33 48.57 0.52 19.43
N ILE C 34 48.64 1.38 18.40
CA ILE C 34 47.47 1.91 17.66
C ILE C 34 47.63 1.48 16.21
N ALA C 35 46.55 0.94 15.61
CA ALA C 35 46.57 0.53 14.22
C ALA C 35 45.60 1.42 13.42
N TRP C 36 45.84 1.52 12.11
CA TRP C 36 44.98 2.20 11.14
C TRP C 36 44.54 1.18 10.13
N VAL C 37 43.24 1.18 9.84
CA VAL C 37 42.57 0.23 8.96
C VAL C 37 41.77 1.01 7.90
N ARG C 38 41.89 0.61 6.64
CA ARG C 38 41.14 1.21 5.52
C ARG C 38 40.00 0.26 5.11
N GLN C 39 38.85 0.84 4.81
CA GLN C 39 37.72 0.11 4.28
C GLN C 39 37.12 0.93 3.11
N LYS C 40 37.35 0.46 1.88
CA LYS C 40 36.85 1.14 0.67
C LYS C 40 35.31 0.96 0.55
N PRO C 41 34.57 1.88 -0.15
CA PRO C 41 33.10 1.75 -0.18
C PRO C 41 32.63 0.40 -0.72
N GLY C 42 31.82 -0.29 0.10
CA GLY C 42 31.29 -1.61 -0.20
C GLY C 42 32.32 -2.73 -0.20
N LYS C 43 33.53 -2.48 0.37
CA LYS C 43 34.63 -3.45 0.39
C LYS C 43 35.02 -3.90 1.80
N GLY C 44 36.02 -4.77 1.89
CA GLY C 44 36.52 -5.33 3.14
C GLY C 44 37.57 -4.48 3.82
N LEU C 45 38.11 -5.00 4.93
CA LEU C 45 39.09 -4.30 5.76
C LEU C 45 40.53 -4.54 5.29
N GLU C 46 41.40 -3.51 5.43
CA GLU C 46 42.81 -3.65 5.06
C GLU C 46 43.63 -2.96 6.15
N TRP C 47 44.65 -3.64 6.66
CA TRP C 47 45.53 -3.10 7.67
C TRP C 47 46.58 -2.16 7.01
N MET C 48 46.67 -0.91 7.49
CA MET C 48 47.61 0.08 6.93
C MET C 48 48.97 0.11 7.65
N GLY C 49 48.91 0.06 8.96
CA GLY C 49 50.11 0.13 9.77
C GLY C 49 49.80 0.28 11.24
N VAL C 50 50.85 0.34 12.06
CA VAL C 50 50.74 0.42 13.50
C VAL C 50 51.83 1.35 14.06
N ILE C 51 51.56 1.90 15.21
CA ILE C 51 52.50 2.74 15.94
C ILE C 51 52.39 2.45 17.46
N HIS C 52 53.53 2.44 18.14
CA HIS C 52 53.56 2.37 19.58
C HIS C 52 53.81 3.82 20.00
N PRO C 53 52.80 4.48 20.61
CA PRO C 53 52.95 5.89 20.98
C PRO C 53 54.18 6.14 21.86
N GLY C 54 55.03 7.05 21.36
CA GLY C 54 56.31 7.43 21.94
C GLY C 54 57.52 6.89 21.19
N ASP C 55 57.33 5.89 20.30
CA ASP C 55 58.44 5.32 19.49
C ASP C 55 58.92 6.29 18.41
N SER C 56 60.16 6.10 17.94
CA SER C 56 60.77 6.90 16.88
C SER C 56 60.44 6.34 15.48
N ASP C 57 59.72 5.20 15.42
CA ASP C 57 59.39 4.61 14.13
C ASP C 57 57.94 4.10 14.15
N SER C 58 57.33 3.97 12.96
CA SER C 58 56.01 3.38 12.72
C SER C 58 56.25 2.16 11.83
N THR C 59 55.31 1.20 11.83
CA THR C 59 55.38 -0.03 11.02
C THR C 59 54.24 0.03 10.02
N TYR C 60 54.57 -0.16 8.74
CA TYR C 60 53.59 -0.09 7.66
C TYR C 60 53.40 -1.41 6.95
N ASN C 61 52.20 -1.55 6.37
CA ASN C 61 51.90 -2.62 5.45
C ASN C 61 52.74 -2.17 4.20
N PRO C 62 53.62 -3.02 3.63
CA PRO C 62 54.43 -2.58 2.47
C PRO C 62 53.65 -1.95 1.31
N SER C 63 52.39 -2.39 1.06
CA SER C 63 51.55 -1.83 -0.01
C SER C 63 51.10 -0.38 0.25
N PHE C 64 51.12 0.07 1.53
CA PHE C 64 50.71 1.43 1.93
C PHE C 64 51.89 2.37 2.20
N GLN C 65 53.06 1.83 2.56
CA GLN C 65 54.28 2.58 2.85
C GLN C 65 54.65 3.57 1.75
N GLY C 66 55.10 4.75 2.15
CA GLY C 66 55.53 5.80 1.24
C GLY C 66 54.46 6.79 0.82
N HIS C 67 53.19 6.36 0.71
CA HIS C 67 52.10 7.26 0.32
C HIS C 67 51.38 7.88 1.54
N VAL C 68 51.46 7.21 2.70
CA VAL C 68 50.79 7.63 3.92
C VAL C 68 51.78 7.53 5.10
N SER C 69 51.59 8.37 6.11
CA SER C 69 52.42 8.42 7.30
C SER C 69 51.55 8.23 8.55
N ILE C 70 52.10 7.50 9.51
CA ILE C 70 51.47 7.28 10.81
C ILE C 70 52.37 7.91 11.85
N SER C 71 51.79 8.68 12.74
CA SER C 71 52.56 9.30 13.83
C SER C 71 51.66 9.42 15.05
N ALA C 72 52.22 9.83 16.18
CA ALA C 72 51.47 10.01 17.43
C ALA C 72 52.11 11.09 18.31
N ASP C 73 51.30 11.75 19.13
CA ASP C 73 51.75 12.76 20.07
C ASP C 73 51.21 12.33 21.44
N LYS C 74 52.04 11.59 22.21
CA LYS C 74 51.69 11.04 23.53
C LYS C 74 51.27 12.11 24.54
N SER C 75 51.78 13.35 24.37
CA SER C 75 51.45 14.49 25.21
C SER C 75 49.96 14.85 25.12
N ILE C 76 49.30 14.59 23.97
CA ILE C 76 47.87 14.89 23.79
C ILE C 76 47.00 13.64 23.47
N ASN C 77 47.51 12.41 23.76
CA ASN C 77 46.77 11.14 23.58
C ASN C 77 46.19 11.00 22.15
N THR C 78 46.95 11.46 21.14
CA THR C 78 46.47 11.45 19.76
C THR C 78 47.41 10.73 18.80
N ALA C 79 46.79 9.91 17.94
CA ALA C 79 47.43 9.19 16.85
C ALA C 79 46.94 9.85 15.55
N TYR C 80 47.79 9.84 14.54
CA TYR C 80 47.52 10.47 13.25
C TYR C 80 47.73 9.55 12.07
N LEU C 81 46.95 9.77 11.01
CA LEU C 81 47.06 9.15 9.67
C LEU C 81 47.16 10.33 8.73
N GLN C 82 48.26 10.40 7.96
CA GLN C 82 48.55 11.61 7.18
C GLN C 82 49.00 11.38 5.74
N TRP C 83 48.42 12.15 4.79
CA TRP C 83 48.82 12.14 3.38
C TRP C 83 49.25 13.56 3.01
N ASN C 84 50.30 13.69 2.25
CA ASN C 84 50.64 15.03 1.80
C ASN C 84 49.93 15.31 0.46
N SER C 85 49.72 14.26 -0.37
CA SER C 85 49.19 14.36 -1.72
C SER C 85 48.19 13.23 -2.02
N LEU C 86 46.93 13.48 -1.66
CA LEU C 86 45.83 12.52 -1.87
C LEU C 86 45.57 12.13 -3.36
N LYS C 87 45.05 10.89 -3.59
CA LYS C 87 44.68 10.36 -4.89
C LYS C 87 43.20 9.96 -4.76
N ALA C 88 42.45 9.96 -5.89
CA ALA C 88 41.04 9.53 -5.90
C ALA C 88 40.92 8.11 -5.28
N SER C 89 41.98 7.28 -5.45
CA SER C 89 42.05 5.91 -4.91
C SER C 89 42.08 5.87 -3.37
N ASP C 90 42.31 7.03 -2.69
CA ASP C 90 42.28 7.13 -1.21
C ASP C 90 40.83 7.31 -0.68
N THR C 91 39.82 7.40 -1.58
CA THR C 91 38.42 7.51 -1.16
C THR C 91 38.05 6.22 -0.41
N ALA C 92 37.69 6.33 0.87
CA ALA C 92 37.42 5.18 1.77
C ALA C 92 37.02 5.66 3.15
N MET C 93 36.68 4.70 4.02
CA MET C 93 36.43 4.90 5.44
C MET C 93 37.76 4.46 6.12
N TYR C 94 38.24 5.26 7.08
CA TYR C 94 39.47 4.96 7.85
C TYR C 94 39.15 4.80 9.33
N PHE C 95 39.67 3.74 9.95
CA PHE C 95 39.45 3.51 11.37
C PHE C 95 40.79 3.45 12.09
N CYS C 96 40.85 4.00 13.31
CA CYS C 96 42.00 3.78 14.21
C CYS C 96 41.47 2.71 15.20
N ALA C 97 42.37 1.89 15.73
CA ALA C 97 41.98 0.86 16.67
C ALA C 97 43.11 0.55 17.62
N ARG C 98 42.76 0.29 18.86
CA ARG C 98 43.73 -0.07 19.89
C ARG C 98 44.08 -1.55 19.71
N VAL C 99 45.36 -1.86 19.71
CA VAL C 99 45.86 -3.22 19.55
C VAL C 99 46.05 -3.84 20.95
N VAL C 100 45.70 -5.14 21.08
CA VAL C 100 45.97 -5.90 22.30
C VAL C 100 47.00 -7.00 21.97
N GLY C 101 47.86 -7.30 22.92
CA GLY C 101 48.90 -8.30 22.72
C GLY C 101 49.43 -8.87 24.01
N ASP C 102 50.58 -9.54 23.96
CA ASP C 102 51.16 -10.14 25.15
C ASP C 102 51.87 -9.06 25.97
N ARG C 103 52.13 -9.34 27.24
CA ARG C 103 52.88 -8.43 28.10
C ARG C 103 54.13 -9.16 28.66
N GLU C 104 54.57 -10.18 27.89
CA GLU C 104 55.73 -11.01 28.22
C GLU C 104 56.96 -10.75 27.34
N GLY C 105 56.93 -9.69 26.57
CA GLY C 105 58.05 -9.32 25.72
C GLY C 105 58.24 -10.14 24.46
N PHE C 106 57.19 -10.84 23.99
CA PHE C 106 57.25 -11.62 22.75
C PHE C 106 57.13 -10.73 21.52
N GLY C 107 56.47 -9.59 21.68
CA GLY C 107 56.19 -8.66 20.61
C GLY C 107 55.01 -9.12 19.77
N TYR C 108 54.12 -9.95 20.37
CA TYR C 108 52.94 -10.49 19.70
C TYR C 108 51.74 -9.59 19.89
N HIS C 109 50.89 -9.61 18.87
CA HIS C 109 49.65 -8.84 18.81
C HIS C 109 48.53 -9.81 18.47
N TYR C 110 47.38 -9.68 19.16
CA TYR C 110 46.23 -10.58 19.01
C TYR C 110 45.09 -10.02 18.15
N GLY C 111 44.91 -8.71 18.16
CA GLY C 111 43.81 -8.09 17.44
C GLY C 111 43.53 -6.68 17.92
N LEU C 112 42.42 -6.10 17.41
CA LEU C 112 42.02 -4.72 17.64
C LEU C 112 40.80 -4.71 18.55
N ASP C 113 41.00 -4.45 19.84
CA ASP C 113 39.91 -4.60 20.82
C ASP C 113 38.96 -3.42 20.94
N VAL C 114 39.38 -2.17 20.59
CA VAL C 114 38.52 -0.98 20.67
C VAL C 114 38.77 -0.19 19.41
N TRP C 115 37.69 0.22 18.73
CA TRP C 115 37.80 0.92 17.45
C TRP C 115 37.24 2.34 17.52
N GLY C 116 37.84 3.25 16.75
CA GLY C 116 37.31 4.60 16.57
C GLY C 116 36.03 4.50 15.75
N GLN C 117 35.25 5.59 15.63
CA GLN C 117 33.97 5.56 14.92
C GLN C 117 34.12 5.58 13.37
N GLY C 118 35.36 5.79 12.90
CA GLY C 118 35.67 5.89 11.48
C GLY C 118 35.57 7.30 10.94
N THR C 119 36.35 7.62 9.90
CA THR C 119 36.35 8.92 9.25
C THR C 119 36.17 8.66 7.74
N THR C 120 35.12 9.22 7.10
CA THR C 120 34.91 9.06 5.65
C THR C 120 35.77 10.10 4.94
N VAL C 121 36.47 9.67 3.90
CA VAL C 121 37.33 10.53 3.09
C VAL C 121 36.90 10.35 1.63
N THR C 122 36.49 11.46 0.98
CA THR C 122 36.19 11.45 -0.46
C THR C 122 37.25 12.28 -1.20
N VAL C 123 37.93 11.67 -2.17
CA VAL C 123 38.96 12.37 -2.96
C VAL C 123 38.54 12.37 -4.42
N SER C 124 38.40 13.55 -5.02
CA SER C 124 37.96 13.66 -6.42
C SER C 124 38.38 14.98 -7.07
N SER C 125 38.62 14.95 -8.39
CA SER C 125 38.92 16.17 -9.17
C SER C 125 37.63 16.99 -9.37
N ALA C 126 36.44 16.36 -9.18
CA ALA C 126 35.13 17.03 -9.35
C ALA C 126 34.86 18.14 -8.33
N SER C 127 34.12 19.17 -8.75
CA SER C 127 33.77 20.30 -7.89
C SER C 127 32.32 20.13 -7.45
N THR C 128 31.93 20.84 -6.37
CA THR C 128 30.58 20.81 -5.84
C THR C 128 29.57 21.13 -6.97
N LYS C 129 28.54 20.28 -7.10
CA LYS C 129 27.55 20.41 -8.16
C LYS C 129 26.23 19.82 -7.66
N GLY C 130 25.17 20.60 -7.81
CA GLY C 130 23.82 20.20 -7.45
C GLY C 130 23.26 19.24 -8.47
N PRO C 131 22.30 18.36 -8.09
CA PRO C 131 21.77 17.40 -9.05
C PRO C 131 20.70 17.92 -10.00
N SER C 132 20.57 17.23 -11.14
CA SER C 132 19.48 17.37 -12.10
C SER C 132 18.51 16.28 -11.63
N VAL C 133 17.21 16.60 -11.57
CA VAL C 133 16.22 15.62 -11.09
C VAL C 133 15.28 15.30 -12.24
N PHE C 134 15.20 14.02 -12.64
CA PHE C 134 14.35 13.58 -13.74
C PHE C 134 13.26 12.64 -13.27
N PRO C 135 12.02 12.72 -13.81
CA PRO C 135 10.97 11.77 -13.38
C PRO C 135 11.20 10.36 -13.91
N LEU C 136 10.81 9.38 -13.10
CA LEU C 136 10.78 7.95 -13.45
C LEU C 136 9.27 7.72 -13.53
N ALA C 137 8.72 7.97 -14.70
CA ALA C 137 7.27 7.99 -14.91
C ALA C 137 6.67 6.61 -15.11
N PRO C 138 5.46 6.30 -14.58
CA PRO C 138 4.85 4.99 -14.86
C PRO C 138 4.46 4.84 -16.34
N GLY C 146 -2.21 -4.61 -9.35
CA GLY C 146 -2.66 -3.23 -9.18
C GLY C 146 -1.67 -2.29 -8.52
N THR C 147 -0.36 -2.59 -8.63
CA THR C 147 0.68 -1.71 -8.07
C THR C 147 1.43 -1.05 -9.21
N ALA C 148 1.69 0.26 -9.06
CA ALA C 148 2.47 1.03 -10.02
C ALA C 148 3.73 1.52 -9.32
N ALA C 149 4.80 1.69 -10.08
CA ALA C 149 6.03 2.25 -9.53
C ALA C 149 6.32 3.59 -10.20
N LEU C 150 6.80 4.54 -9.43
CA LEU C 150 7.23 5.83 -9.94
C LEU C 150 8.44 6.26 -9.11
N GLY C 151 9.16 7.25 -9.60
CA GLY C 151 10.34 7.71 -8.88
C GLY C 151 10.97 8.96 -9.45
N CYS C 152 12.18 9.22 -8.98
CA CYS C 152 13.01 10.35 -9.41
C CYS C 152 14.43 9.88 -9.58
N LEU C 153 15.05 10.26 -10.70
CA LEU C 153 16.46 9.97 -10.98
C LEU C 153 17.20 11.29 -10.62
N VAL C 154 18.03 11.22 -9.56
CA VAL C 154 18.82 12.31 -8.98
C VAL C 154 20.20 12.14 -9.60
N LYS C 155 20.47 12.87 -10.68
CA LYS C 155 21.67 12.66 -11.48
C LYS C 155 22.71 13.79 -11.44
N ASP C 156 24.00 13.40 -11.56
CA ASP C 156 25.14 14.29 -11.76
C ASP C 156 25.33 15.33 -10.65
N TYR C 157 25.52 14.85 -9.42
CA TYR C 157 25.80 15.71 -8.27
C TYR C 157 27.13 15.30 -7.61
N PHE C 158 27.65 16.21 -6.80
CA PHE C 158 28.90 15.96 -6.07
C PHE C 158 29.01 17.00 -4.96
N PRO C 159 29.45 16.61 -3.75
CA PRO C 159 29.76 15.23 -3.29
C PRO C 159 28.50 14.58 -2.71
N GLU C 160 28.64 13.41 -2.09
CA GLU C 160 27.52 12.78 -1.37
C GLU C 160 27.31 13.59 -0.07
N PRO C 161 26.11 13.63 0.54
CA PRO C 161 24.87 12.92 0.18
C PRO C 161 23.78 13.84 -0.37
N VAL C 162 22.69 13.21 -0.83
CA VAL C 162 21.44 13.87 -1.22
C VAL C 162 20.41 13.21 -0.31
N THR C 163 19.35 13.93 0.05
CA THR C 163 18.22 13.32 0.74
C THR C 163 17.03 13.43 -0.19
N VAL C 164 16.12 12.44 -0.14
CA VAL C 164 14.90 12.43 -0.93
C VAL C 164 13.73 12.12 0.00
N SER C 165 12.67 12.90 -0.09
CA SER C 165 11.43 12.62 0.63
C SER C 165 10.34 12.64 -0.45
N TRP C 166 9.14 12.11 -0.14
CA TRP C 166 8.02 12.10 -1.09
C TRP C 166 6.85 12.85 -0.46
N ASN C 167 6.18 13.71 -1.24
CA ASN C 167 5.03 14.53 -0.80
C ASN C 167 5.29 15.22 0.54
N SER C 168 6.49 15.81 0.67
CA SER C 168 6.99 16.53 1.86
C SER C 168 7.01 15.67 3.13
N GLY C 169 7.28 14.37 2.97
CA GLY C 169 7.39 13.42 4.07
C GLY C 169 6.09 12.72 4.45
N ALA C 170 4.98 13.04 3.77
CA ALA C 170 3.69 12.42 4.04
C ALA C 170 3.65 11.01 3.46
N LEU C 171 4.46 10.75 2.41
CA LEU C 171 4.52 9.44 1.75
C LEU C 171 5.82 8.75 2.13
N THR C 172 5.71 7.71 2.97
CA THR C 172 6.86 6.93 3.47
C THR C 172 6.77 5.44 3.12
N SER C 173 5.55 4.87 3.14
CA SER C 173 5.32 3.44 2.84
C SER C 173 5.70 3.12 1.39
N GLY C 174 6.46 2.04 1.21
CA GLY C 174 6.86 1.59 -0.12
C GLY C 174 7.97 2.39 -0.78
N VAL C 175 8.59 3.35 -0.03
CA VAL C 175 9.67 4.17 -0.59
C VAL C 175 11.00 3.41 -0.50
N HIS C 176 11.80 3.46 -1.58
CA HIS C 176 13.18 2.97 -1.61
C HIS C 176 14.08 4.03 -2.26
N THR C 177 15.03 4.54 -1.48
CA THR C 177 16.02 5.50 -1.95
C THR C 177 17.32 4.68 -1.98
N PHE C 178 17.83 4.45 -3.19
CA PHE C 178 18.97 3.59 -3.41
C PHE C 178 20.29 4.24 -3.06
N PRO C 179 21.34 3.47 -2.68
CA PRO C 179 22.68 4.08 -2.50
C PRO C 179 23.14 4.63 -3.86
N ALA C 180 23.88 5.72 -3.84
CA ALA C 180 24.39 6.37 -5.04
C ALA C 180 25.50 5.52 -5.69
N VAL C 181 25.63 5.62 -7.01
CA VAL C 181 26.71 5.01 -7.78
C VAL C 181 27.59 6.16 -8.28
N LEU C 182 28.91 5.97 -8.23
CA LEU C 182 29.84 6.98 -8.73
C LEU C 182 30.03 6.68 -10.23
N GLN C 183 29.60 7.61 -11.09
CA GLN C 183 29.72 7.47 -12.53
C GLN C 183 31.16 7.74 -13.00
N SER C 184 31.50 7.32 -14.24
CA SER C 184 32.83 7.52 -14.86
C SER C 184 33.22 9.01 -14.97
N SER C 185 32.22 9.92 -14.99
CA SER C 185 32.40 11.37 -15.01
C SER C 185 32.88 11.94 -13.65
N GLY C 186 32.84 11.14 -12.59
CA GLY C 186 33.19 11.56 -11.22
C GLY C 186 32.04 12.19 -10.45
N LEU C 187 30.82 12.10 -11.02
CA LEU C 187 29.62 12.62 -10.37
C LEU C 187 28.76 11.43 -9.93
N TYR C 188 27.99 11.62 -8.86
CA TYR C 188 27.09 10.57 -8.38
C TYR C 188 25.72 10.59 -9.04
N SER C 189 25.03 9.46 -8.93
CA SER C 189 23.67 9.28 -9.44
C SER C 189 22.96 8.31 -8.54
N LEU C 190 21.71 8.62 -8.23
CA LEU C 190 20.86 7.71 -7.49
C LEU C 190 19.42 7.84 -7.92
N SER C 191 18.64 6.82 -7.60
CA SER C 191 17.22 6.86 -7.87
C SER C 191 16.48 6.64 -6.54
N SER C 192 15.29 7.25 -6.46
CA SER C 192 14.38 7.09 -5.34
C SER C 192 13.07 6.69 -5.97
N VAL C 193 12.51 5.58 -5.50
CA VAL C 193 11.26 5.04 -6.06
C VAL C 193 10.22 4.84 -4.97
N VAL C 194 8.96 4.68 -5.39
CA VAL C 194 7.85 4.37 -4.49
C VAL C 194 6.85 3.52 -5.26
N THR C 195 6.32 2.49 -4.61
CA THR C 195 5.24 1.72 -5.22
C THR C 195 3.93 2.23 -4.62
N VAL C 196 2.92 2.42 -5.46
CA VAL C 196 1.64 2.99 -5.05
C VAL C 196 0.51 2.23 -5.74
N PRO C 197 -0.76 2.36 -5.29
CA PRO C 197 -1.85 1.70 -6.05
C PRO C 197 -1.95 2.34 -7.43
N SER C 198 -2.06 1.51 -8.47
CA SER C 198 -2.16 1.99 -9.85
C SER C 198 -3.38 2.92 -10.03
N SER C 199 -4.47 2.68 -9.25
CA SER C 199 -5.68 3.50 -9.32
C SER C 199 -5.46 4.92 -8.80
N SER C 200 -4.38 5.16 -8.00
CA SER C 200 -4.05 6.48 -7.46
C SER C 200 -3.36 7.40 -8.49
N LEU C 201 -2.89 6.84 -9.63
CA LEU C 201 -2.19 7.61 -10.67
C LEU C 201 -3.04 8.72 -11.27
N GLY C 202 -4.31 8.51 -11.54
CA GLY C 202 -5.08 9.61 -12.11
C GLY C 202 -5.64 10.62 -11.11
N THR C 203 -5.25 10.51 -9.80
CA THR C 203 -5.93 11.25 -8.73
C THR C 203 -5.06 11.80 -7.61
N GLN C 204 -3.90 11.18 -7.36
CA GLN C 204 -2.98 11.61 -6.29
C GLN C 204 -1.75 12.24 -6.91
N THR C 205 -1.33 13.38 -6.35
CA THR C 205 -0.12 14.09 -6.81
C THR C 205 1.08 13.42 -6.12
N TYR C 206 2.15 13.17 -6.90
CA TYR C 206 3.38 12.60 -6.36
C TYR C 206 4.54 13.54 -6.68
N ILE C 207 5.21 14.01 -5.64
CA ILE C 207 6.35 14.93 -5.76
C ILE C 207 7.53 14.37 -4.97
N CYS C 208 8.72 14.37 -5.58
CA CYS C 208 9.90 13.97 -4.82
C CYS C 208 10.62 15.27 -4.42
N ASN C 209 11.00 15.37 -3.15
CA ASN C 209 11.69 16.55 -2.60
C ASN C 209 13.16 16.18 -2.40
N VAL C 210 14.01 16.71 -3.28
CA VAL C 210 15.44 16.42 -3.29
C VAL C 210 16.20 17.57 -2.62
N ASN C 211 17.13 17.24 -1.71
CA ASN C 211 17.95 18.25 -1.04
C ASN C 211 19.44 17.83 -1.14
N HIS C 212 20.27 18.72 -1.71
CA HIS C 212 21.71 18.48 -1.80
C HIS C 212 22.37 19.62 -1.01
N LYS C 213 22.49 19.43 0.32
CA LYS C 213 23.06 20.40 1.26
C LYS C 213 24.43 20.98 0.81
N PRO C 214 25.44 20.17 0.35
CA PRO C 214 26.72 20.78 -0.08
C PRO C 214 26.63 21.90 -1.14
N SER C 215 25.62 21.84 -2.03
CA SER C 215 25.44 22.85 -3.08
C SER C 215 24.27 23.79 -2.79
N ASN C 216 23.61 23.63 -1.63
CA ASN C 216 22.41 24.39 -1.22
C ASN C 216 21.32 24.31 -2.32
N THR C 217 21.11 23.10 -2.86
CA THR C 217 20.15 22.80 -3.91
C THR C 217 18.95 22.07 -3.33
N LYS C 218 17.76 22.60 -3.61
CA LYS C 218 16.48 22.03 -3.23
C LYS C 218 15.64 21.98 -4.50
N VAL C 219 15.19 20.77 -4.89
CA VAL C 219 14.37 20.57 -6.09
C VAL C 219 13.11 19.78 -5.69
N ASP C 220 11.93 20.25 -6.13
CA ASP C 220 10.67 19.54 -5.95
C ASP C 220 10.21 19.15 -7.34
N LYS C 221 10.20 17.84 -7.64
CA LYS C 221 9.83 17.35 -8.96
C LYS C 221 8.51 16.56 -8.95
N ARG C 222 7.51 17.07 -9.69
CA ARG C 222 6.23 16.39 -9.80
C ARG C 222 6.43 15.22 -10.77
N VAL C 223 5.97 14.02 -10.38
CA VAL C 223 6.12 12.82 -11.20
C VAL C 223 4.74 12.37 -11.65
N GLU C 224 4.49 12.45 -12.97
CA GLU C 224 3.19 12.08 -13.54
C GLU C 224 3.32 11.01 -14.63
N PRO C 225 2.24 10.24 -14.89
CA PRO C 225 2.29 9.30 -16.03
C PRO C 225 2.39 10.13 -17.32
N LYS C 226 3.14 9.64 -18.32
CA LYS C 226 3.31 10.35 -19.59
C LYS C 226 2.54 9.64 -20.72
N GLU D 1 52.12 -13.00 1.52
CA GLU D 1 50.98 -12.49 2.28
C GLU D 1 50.04 -13.64 2.63
N ILE D 2 49.55 -13.67 3.89
CA ILE D 2 48.62 -14.73 4.30
C ILE D 2 47.23 -14.33 3.83
N VAL D 3 46.64 -15.12 2.92
CA VAL D 3 45.31 -14.84 2.41
C VAL D 3 44.30 -15.63 3.23
N LEU D 4 43.30 -14.92 3.78
CA LEU D 4 42.21 -15.55 4.56
C LEU D 4 40.96 -15.61 3.70
N THR D 5 40.41 -16.82 3.54
CA THR D 5 39.23 -17.03 2.73
C THR D 5 38.10 -17.44 3.61
N GLN D 6 37.05 -16.62 3.62
CA GLN D 6 35.87 -16.93 4.41
C GLN D 6 34.82 -17.65 3.58
N SER D 7 34.17 -18.62 4.21
CA SER D 7 33.08 -19.37 3.60
C SER D 7 31.95 -19.66 4.62
N PRO D 8 30.68 -19.62 4.20
CA PRO D 8 30.21 -19.20 2.86
C PRO D 8 30.25 -17.67 2.80
N GLY D 9 29.94 -17.08 1.65
CA GLY D 9 29.85 -15.62 1.49
C GLY D 9 28.67 -15.05 2.24
N THR D 10 27.54 -15.80 2.27
CA THR D 10 26.30 -15.40 2.92
C THR D 10 25.68 -16.62 3.63
N LEU D 11 25.07 -16.38 4.79
CA LEU D 11 24.28 -17.35 5.54
C LEU D 11 22.88 -16.71 5.69
N SER D 12 21.82 -17.45 5.37
CA SER D 12 20.44 -16.95 5.56
C SER D 12 19.80 -17.76 6.68
N LEU D 13 19.57 -17.13 7.82
CA LEU D 13 19.09 -17.84 9.00
C LEU D 13 18.02 -17.10 9.75
N SER D 14 17.28 -17.80 10.61
CA SER D 14 16.25 -17.19 11.43
C SER D 14 16.80 -16.99 12.85
N PRO D 15 16.26 -16.03 13.63
CA PRO D 15 16.64 -15.96 15.05
C PRO D 15 16.37 -17.30 15.73
N GLY D 16 17.27 -17.71 16.63
CA GLY D 16 17.22 -18.98 17.35
C GLY D 16 18.03 -20.06 16.69
N GLU D 17 18.36 -19.89 15.42
CA GLU D 17 19.13 -20.88 14.69
C GLU D 17 20.64 -20.79 14.96
N ARG D 18 21.36 -21.91 14.66
CA ARG D 18 22.81 -21.99 14.80
C ARG D 18 23.51 -21.40 13.55
N ALA D 19 24.52 -20.55 13.75
CA ALA D 19 25.33 -20.02 12.64
C ALA D 19 26.77 -20.57 12.75
N THR D 20 27.29 -21.16 11.65
CA THR D 20 28.66 -21.68 11.58
C THR D 20 29.37 -21.01 10.41
N LEU D 21 30.44 -20.25 10.70
CA LEU D 21 31.20 -19.48 9.73
C LEU D 21 32.64 -20.03 9.72
N SER D 22 33.25 -20.09 8.54
CA SER D 22 34.61 -20.62 8.35
C SER D 22 35.58 -19.56 7.81
N CYS D 23 36.84 -19.73 8.15
CA CYS D 23 37.93 -18.88 7.73
C CYS D 23 39.13 -19.82 7.53
N ARG D 24 39.61 -19.95 6.27
CA ARG D 24 40.74 -20.80 5.95
C ARG D 24 41.92 -19.93 5.50
N ALA D 25 43.07 -20.16 6.13
CA ALA D 25 44.30 -19.43 5.85
C ALA D 25 45.11 -20.13 4.72
N SER D 26 45.73 -19.33 3.83
CA SER D 26 46.55 -19.84 2.70
C SER D 26 47.80 -20.59 3.18
N GLN D 27 48.24 -20.28 4.41
CA GLN D 27 49.35 -20.96 5.08
C GLN D 27 49.04 -21.03 6.58
N SER D 28 49.73 -21.91 7.30
CA SER D 28 49.49 -22.15 8.72
C SER D 28 49.50 -20.86 9.56
N VAL D 29 48.39 -20.60 10.28
CA VAL D 29 48.28 -19.47 11.22
C VAL D 29 48.12 -20.11 12.60
N PHE D 30 49.07 -19.80 13.52
CA PHE D 30 48.97 -20.35 14.88
C PHE D 30 47.75 -19.72 15.57
N SER D 31 47.00 -20.54 16.32
CA SER D 31 45.72 -20.15 16.95
C SER D 31 45.73 -18.79 17.71
N THR D 32 46.83 -18.43 18.41
CA THR D 32 46.92 -17.16 19.17
C THR D 32 46.65 -15.90 18.31
N PHE D 33 46.93 -15.97 17.01
CA PHE D 33 46.84 -14.80 16.14
C PHE D 33 45.57 -14.64 15.31
N LEU D 34 44.57 -15.50 15.49
CA LEU D 34 43.35 -15.47 14.68
C LEU D 34 42.23 -14.84 15.48
N ALA D 35 41.67 -13.73 14.99
CA ALA D 35 40.56 -13.03 15.65
C ALA D 35 39.33 -12.92 14.74
N TRP D 36 38.16 -12.75 15.36
CA TRP D 36 36.90 -12.56 14.65
C TRP D 36 36.28 -11.25 15.10
N TYR D 37 35.63 -10.58 14.14
CA TYR D 37 34.95 -9.29 14.31
C TYR D 37 33.57 -9.33 13.76
N GLN D 38 32.70 -8.50 14.32
CA GLN D 38 31.33 -8.29 13.83
C GLN D 38 31.26 -6.83 13.36
N GLN D 39 30.66 -6.58 12.19
CA GLN D 39 30.44 -5.22 11.70
C GLN D 39 29.03 -5.06 11.19
N LYS D 40 28.36 -4.02 11.68
CA LYS D 40 27.03 -3.61 11.24
C LYS D 40 27.16 -2.41 10.26
N PRO D 41 26.20 -2.19 9.31
CA PRO D 41 26.34 -1.07 8.37
C PRO D 41 26.43 0.28 9.10
N GLY D 42 27.35 1.12 8.64
CA GLY D 42 27.61 2.44 9.24
C GLY D 42 28.20 2.40 10.65
N GLN D 43 28.84 1.27 11.03
CA GLN D 43 29.47 1.12 12.34
C GLN D 43 30.89 0.58 12.19
N ALA D 44 31.70 0.78 13.24
CA ALA D 44 33.04 0.23 13.28
C ALA D 44 32.93 -1.27 13.61
N PRO D 45 33.89 -2.10 13.17
CA PRO D 45 33.87 -3.51 13.59
C PRO D 45 34.06 -3.59 15.11
N ARG D 46 33.58 -4.67 15.69
CA ARG D 46 33.64 -4.98 17.13
C ARG D 46 34.38 -6.33 17.31
N LEU D 47 35.39 -6.39 18.20
CA LEU D 47 36.11 -7.64 18.43
C LEU D 47 35.21 -8.66 19.15
N LEU D 48 35.07 -9.87 18.60
CA LEU D 48 34.27 -10.94 19.19
C LEU D 48 35.13 -12.00 19.89
N ILE D 49 36.10 -12.55 19.16
CA ILE D 49 36.98 -13.64 19.62
C ILE D 49 38.41 -13.24 19.29
N TYR D 50 39.34 -13.56 20.19
CA TYR D 50 40.77 -13.43 19.89
C TYR D 50 41.41 -14.79 20.23
N ALA D 51 42.59 -15.06 19.65
CA ALA D 51 43.33 -16.32 19.85
C ALA D 51 42.44 -17.54 19.57
N ALA D 52 41.70 -17.46 18.43
CA ALA D 52 40.82 -18.48 17.85
C ALA D 52 39.58 -18.83 18.66
N SER D 53 39.65 -18.82 20.02
CA SER D 53 38.53 -19.32 20.84
C SER D 53 38.21 -18.47 22.08
N ARG D 54 38.93 -17.37 22.29
CA ARG D 54 38.70 -16.60 23.50
C ARG D 54 37.75 -15.43 23.29
N ARG D 55 36.64 -15.40 24.04
CA ARG D 55 35.68 -14.30 23.96
C ARG D 55 36.32 -12.99 24.43
N ALA D 56 36.07 -11.92 23.66
CA ALA D 56 36.54 -10.58 24.00
C ALA D 56 35.63 -10.02 25.13
N ALA D 57 36.04 -8.91 25.78
CA ALA D 57 35.28 -8.28 26.88
C ALA D 57 33.84 -7.96 26.44
N GLY D 58 32.88 -8.32 27.31
CA GLY D 58 31.44 -8.08 27.09
C GLY D 58 30.77 -8.89 25.99
N ILE D 59 31.47 -9.90 25.42
CA ILE D 59 30.90 -10.74 24.36
C ILE D 59 30.10 -11.90 24.99
N PRO D 60 28.81 -12.07 24.59
CA PRO D 60 28.00 -13.14 25.20
C PRO D 60 28.40 -14.57 24.83
N ASP D 61 28.00 -15.51 25.72
CA ASP D 61 28.25 -16.95 25.68
C ASP D 61 27.90 -17.64 24.36
N ARG D 62 26.92 -17.10 23.61
CA ARG D 62 26.43 -17.71 22.38
C ARG D 62 27.51 -17.71 21.26
N PHE D 63 28.54 -16.84 21.40
CA PHE D 63 29.68 -16.76 20.50
C PHE D 63 30.80 -17.67 21.00
N SER D 64 31.32 -18.52 20.10
CA SER D 64 32.46 -19.38 20.38
C SER D 64 33.31 -19.57 19.12
N GLY D 65 34.54 -19.94 19.33
CA GLY D 65 35.45 -20.17 18.23
C GLY D 65 36.23 -21.44 18.43
N SER D 66 36.62 -22.06 17.33
CA SER D 66 37.41 -23.28 17.36
C SER D 66 38.31 -23.36 16.15
N GLU D 67 39.34 -24.22 16.21
CA GLU D 67 40.25 -24.44 15.10
C GLU D 67 40.15 -25.91 14.74
N SER D 68 39.56 -26.12 13.57
CA SER D 68 39.25 -27.41 12.97
C SER D 68 40.48 -28.01 12.31
N GLY D 69 40.27 -29.11 11.58
CA GLY D 69 41.31 -29.82 10.85
C GLY D 69 42.13 -28.96 9.91
N THR D 70 41.47 -27.99 9.21
CA THR D 70 42.14 -27.10 8.24
C THR D 70 41.66 -25.62 8.29
N ASP D 71 40.56 -25.35 9.00
CA ASP D 71 39.94 -24.04 9.08
C ASP D 71 39.80 -23.54 10.53
N PHE D 72 39.41 -22.28 10.66
CA PHE D 72 38.99 -21.68 11.93
C PHE D 72 37.49 -21.49 11.79
N THR D 73 36.77 -21.66 12.88
CA THR D 73 35.32 -21.58 12.88
C THR D 73 34.81 -20.63 13.96
N LEU D 74 33.82 -19.82 13.58
CA LEU D 74 33.09 -18.96 14.49
C LEU D 74 31.67 -19.57 14.54
N THR D 75 31.19 -19.82 15.75
CA THR D 75 29.86 -20.38 15.95
C THR D 75 29.03 -19.43 16.80
N ILE D 76 27.79 -19.19 16.35
CA ILE D 76 26.79 -18.43 17.09
C ILE D 76 25.72 -19.50 17.38
N SER D 77 25.71 -20.04 18.62
CA SER D 77 24.86 -21.17 19.06
C SER D 77 23.38 -20.98 18.73
N ARG D 78 22.84 -19.77 19.02
CA ARG D 78 21.43 -19.41 18.79
C ARG D 78 21.38 -17.93 18.46
N LEU D 79 21.07 -17.59 17.20
CA LEU D 79 21.05 -16.22 16.73
C LEU D 79 20.03 -15.33 17.42
N GLU D 80 20.48 -14.12 17.76
CA GLU D 80 19.63 -13.08 18.30
C GLU D 80 19.46 -12.04 17.16
N PRO D 81 18.38 -11.21 17.17
CA PRO D 81 18.20 -10.20 16.10
C PRO D 81 19.40 -9.28 15.87
N GLU D 82 20.14 -8.95 16.95
CA GLU D 82 21.31 -8.08 16.87
C GLU D 82 22.51 -8.75 16.16
N ASP D 83 22.45 -10.07 15.93
CA ASP D 83 23.53 -10.85 15.30
C ASP D 83 23.57 -10.83 13.76
N PHE D 84 22.52 -10.28 13.12
CA PHE D 84 22.48 -10.23 11.67
C PHE D 84 23.36 -9.07 11.25
N ALA D 85 24.55 -9.42 10.75
CA ALA D 85 25.64 -8.50 10.45
C ALA D 85 26.65 -9.20 9.55
N VAL D 86 27.82 -8.54 9.32
CA VAL D 86 28.93 -9.08 8.55
C VAL D 86 30.02 -9.46 9.58
N TYR D 87 30.67 -10.60 9.39
CA TYR D 87 31.72 -11.13 10.27
C TYR D 87 33.01 -11.30 9.48
N TYR D 88 34.10 -10.82 10.05
CA TYR D 88 35.42 -10.90 9.43
C TYR D 88 36.39 -11.65 10.34
N CYS D 89 37.32 -12.40 9.74
CA CYS D 89 38.40 -13.01 10.50
C CYS D 89 39.65 -12.17 10.18
N GLN D 90 40.68 -12.26 11.02
CA GLN D 90 41.90 -11.50 10.85
C GLN D 90 43.05 -12.31 11.43
N GLN D 91 44.22 -12.26 10.78
CA GLN D 91 45.44 -12.88 11.33
C GLN D 91 46.46 -11.77 11.65
N SER D 92 47.13 -11.86 12.81
CA SER D 92 48.12 -10.88 13.25
C SER D 92 49.50 -11.51 13.44
N GLU D 93 49.69 -12.73 12.91
CA GLU D 93 50.96 -13.44 13.01
C GLU D 93 52.03 -12.84 12.09
N SER D 94 51.70 -12.65 10.82
CA SER D 94 52.67 -12.20 9.82
C SER D 94 52.30 -10.87 9.19
N SER D 95 53.33 -10.04 8.89
CA SER D 95 53.11 -8.78 8.21
C SER D 95 52.99 -9.02 6.70
N PRO D 96 51.98 -8.42 6.03
CA PRO D 96 50.95 -7.54 6.61
C PRO D 96 49.82 -8.34 7.27
N TRP D 97 49.27 -7.78 8.35
CA TRP D 97 48.08 -8.37 8.98
C TRP D 97 46.98 -8.34 7.92
N THR D 98 46.19 -9.39 7.83
CA THR D 98 45.18 -9.46 6.79
C THR D 98 43.82 -9.85 7.35
N PHE D 99 42.75 -9.52 6.61
CA PHE D 99 41.37 -9.83 6.97
C PHE D 99 40.77 -10.73 5.88
N GLY D 100 39.78 -11.53 6.28
CA GLY D 100 38.99 -12.33 5.34
C GLY D 100 38.08 -11.34 4.65
N GLN D 101 37.39 -11.76 3.56
CA GLN D 101 36.50 -10.86 2.79
C GLN D 101 35.09 -10.70 3.41
N GLY D 102 34.85 -11.36 4.54
CA GLY D 102 33.60 -11.29 5.27
C GLY D 102 32.55 -12.30 4.87
N THR D 103 31.69 -12.65 5.84
CA THR D 103 30.51 -13.49 5.66
C THR D 103 29.31 -12.70 6.19
N LYS D 104 28.28 -12.49 5.36
CA LYS D 104 27.08 -11.77 5.77
C LYS D 104 26.04 -12.79 6.26
N VAL D 105 25.51 -12.55 7.44
CA VAL D 105 24.42 -13.33 8.00
C VAL D 105 23.17 -12.48 7.84
N ASP D 106 22.26 -12.89 6.93
CA ASP D 106 21.00 -12.14 6.70
C ASP D 106 19.77 -12.92 7.24
N ILE D 107 18.64 -12.23 7.38
CA ILE D 107 17.40 -12.78 7.92
C ILE D 107 16.68 -13.62 6.86
N LYS D 108 16.49 -14.92 7.18
CA LYS D 108 15.78 -15.85 6.33
C LYS D 108 14.27 -15.49 6.31
N ARG D 109 13.66 -15.60 5.11
CA ARG D 109 12.23 -15.42 4.90
C ARG D 109 11.83 -16.20 3.67
N THR D 110 10.52 -16.33 3.40
CA THR D 110 10.06 -17.06 2.22
C THR D 110 10.60 -16.37 0.93
N VAL D 111 10.78 -17.16 -0.13
CA VAL D 111 11.26 -16.66 -1.42
C VAL D 111 10.23 -15.65 -1.94
N ALA D 112 10.70 -14.52 -2.44
CA ALA D 112 9.83 -13.49 -3.00
C ALA D 112 10.44 -13.04 -4.32
N ALA D 113 9.72 -13.31 -5.41
CA ALA D 113 10.19 -12.93 -6.73
C ALA D 113 10.05 -11.37 -6.83
N PRO D 114 10.96 -10.66 -7.52
CA PRO D 114 10.79 -9.20 -7.62
C PRO D 114 9.64 -8.83 -8.51
N SER D 115 9.03 -7.67 -8.21
CA SER D 115 8.08 -7.01 -9.12
C SER D 115 9.04 -6.15 -9.96
N VAL D 116 8.97 -6.28 -11.28
CA VAL D 116 9.89 -5.59 -12.18
C VAL D 116 9.20 -4.42 -12.88
N PHE D 117 9.94 -3.30 -12.98
CA PHE D 117 9.41 -2.11 -13.66
C PHE D 117 10.54 -1.48 -14.49
N ILE D 118 10.19 -1.00 -15.68
CA ILE D 118 11.15 -0.34 -16.58
C ILE D 118 10.68 1.11 -16.80
N PHE D 119 11.63 2.05 -16.77
CA PHE D 119 11.34 3.46 -16.98
C PHE D 119 12.17 4.00 -18.16
N PRO D 120 11.49 4.59 -19.16
CA PRO D 120 12.23 5.20 -20.27
C PRO D 120 12.88 6.53 -19.84
N PRO D 121 13.89 7.06 -20.57
CA PRO D 121 14.41 8.39 -20.19
C PRO D 121 13.32 9.45 -20.35
N SER D 122 13.34 10.49 -19.50
CA SER D 122 12.40 11.61 -19.58
C SER D 122 12.74 12.48 -20.81
N ASP D 123 11.75 13.23 -21.35
CA ASP D 123 11.98 14.16 -22.46
C ASP D 123 12.99 15.24 -22.02
N GLU D 124 12.87 15.71 -20.76
CA GLU D 124 13.75 16.70 -20.13
C GLU D 124 15.23 16.27 -20.19
N GLN D 125 15.52 14.99 -19.86
CA GLN D 125 16.90 14.49 -19.91
C GLN D 125 17.42 14.40 -21.34
N LEU D 126 16.58 13.95 -22.30
CA LEU D 126 16.99 13.80 -23.70
C LEU D 126 17.55 15.08 -24.35
N LYS D 127 17.02 16.27 -23.98
CA LYS D 127 17.55 17.52 -24.54
C LYS D 127 18.97 17.88 -24.03
N SER D 128 19.61 16.99 -23.20
CA SER D 128 20.98 17.12 -22.67
C SER D 128 22.03 16.25 -23.42
N GLY D 129 21.59 15.34 -24.29
CA GLY D 129 22.50 14.47 -25.04
C GLY D 129 22.74 13.09 -24.45
N THR D 130 22.18 12.82 -23.25
CA THR D 130 22.31 11.53 -22.56
C THR D 130 20.91 10.94 -22.27
N ALA D 131 20.77 9.59 -22.35
CA ALA D 131 19.52 8.88 -22.07
C ALA D 131 19.79 7.86 -20.97
N SER D 132 19.04 7.94 -19.85
CA SER D 132 19.13 6.96 -18.76
C SER D 132 17.86 6.11 -18.77
N VAL D 133 18.03 4.80 -18.90
CA VAL D 133 16.93 3.82 -18.88
C VAL D 133 17.07 3.10 -17.51
N VAL D 134 16.00 3.09 -16.71
CA VAL D 134 16.05 2.53 -15.35
C VAL D 134 15.17 1.28 -15.22
N CYS D 135 15.70 0.21 -14.59
CA CYS D 135 14.98 -1.03 -14.31
C CYS D 135 14.94 -1.19 -12.79
N LEU D 136 13.72 -1.35 -12.24
CA LEU D 136 13.56 -1.52 -10.79
C LEU D 136 13.12 -2.97 -10.47
N LEU D 137 13.82 -3.63 -9.55
CA LEU D 137 13.47 -4.95 -9.05
C LEU D 137 13.03 -4.70 -7.61
N ASN D 138 11.72 -4.79 -7.38
CA ASN D 138 11.14 -4.41 -6.11
C ASN D 138 10.84 -5.56 -5.15
N ASN D 139 11.30 -5.39 -3.89
CA ASN D 139 10.99 -6.23 -2.74
C ASN D 139 11.12 -7.73 -3.02
N PHE D 140 12.34 -8.14 -3.28
CA PHE D 140 12.63 -9.55 -3.54
C PHE D 140 13.52 -10.19 -2.46
N TYR D 141 13.51 -11.52 -2.44
CA TYR D 141 14.31 -12.33 -1.52
C TYR D 141 14.48 -13.71 -2.14
N PRO D 142 15.70 -14.30 -2.14
CA PRO D 142 16.97 -13.77 -1.56
C PRO D 142 17.59 -12.64 -2.36
N ARG D 143 18.73 -12.13 -1.87
CA ARG D 143 19.42 -11.00 -2.49
C ARG D 143 19.89 -11.24 -3.94
N GLU D 144 20.29 -12.49 -4.28
CA GLU D 144 20.80 -12.86 -5.61
C GLU D 144 19.78 -12.59 -6.71
N ALA D 145 20.19 -11.79 -7.69
CA ALA D 145 19.37 -11.43 -8.85
C ALA D 145 20.28 -11.01 -10.01
N LYS D 146 19.91 -11.38 -11.23
CA LYS D 146 20.69 -11.04 -12.44
C LYS D 146 19.80 -10.19 -13.33
N VAL D 147 20.32 -9.04 -13.75
CA VAL D 147 19.63 -8.10 -14.63
C VAL D 147 20.44 -8.04 -15.91
N GLN D 148 19.76 -8.21 -17.05
CA GLN D 148 20.42 -8.12 -18.35
C GLN D 148 19.64 -7.14 -19.21
N TRP D 149 20.33 -6.13 -19.77
CA TRP D 149 19.70 -5.16 -20.65
C TRP D 149 19.81 -5.63 -22.10
N LYS D 150 18.73 -5.44 -22.85
CA LYS D 150 18.63 -5.75 -24.28
C LYS D 150 18.08 -4.54 -25.01
N VAL D 151 18.72 -4.20 -26.13
CA VAL D 151 18.34 -3.07 -26.98
C VAL D 151 18.17 -3.69 -28.38
N ASP D 152 16.91 -3.75 -28.89
CA ASP D 152 16.58 -4.44 -30.17
C ASP D 152 17.10 -5.90 -30.12
N ASN D 153 16.91 -6.56 -28.96
CA ASN D 153 17.29 -7.95 -28.67
C ASN D 153 18.82 -8.17 -28.59
N ALA D 154 19.62 -7.11 -28.66
CA ALA D 154 21.08 -7.22 -28.52
C ALA D 154 21.47 -7.03 -27.03
N LEU D 155 22.12 -8.05 -26.47
CA LEU D 155 22.60 -8.05 -25.08
C LEU D 155 23.60 -6.90 -24.85
N GLN D 156 23.34 -6.07 -23.85
CA GLN D 156 24.19 -4.95 -23.48
C GLN D 156 25.27 -5.34 -22.48
N SER D 157 26.43 -4.67 -22.55
CA SER D 157 27.56 -4.94 -21.65
C SER D 157 28.39 -3.67 -21.41
N GLY D 158 28.77 -3.43 -20.15
CA GLY D 158 29.63 -2.31 -19.78
C GLY D 158 29.01 -0.92 -19.74
N ASN D 159 27.70 -0.80 -20.02
CA ASN D 159 27.01 0.51 -20.04
C ASN D 159 25.88 0.60 -18.98
N SER D 160 25.95 -0.24 -17.95
CA SER D 160 24.96 -0.19 -16.86
C SER D 160 25.62 -0.22 -15.48
N GLN D 161 24.91 0.30 -14.45
CA GLN D 161 25.36 0.27 -13.06
C GLN D 161 24.15 -0.09 -12.19
N GLU D 162 24.37 -0.91 -11.14
CA GLU D 162 23.33 -1.37 -10.20
C GLU D 162 23.60 -0.84 -8.80
N SER D 163 22.53 -0.69 -8.00
CA SER D 163 22.59 -0.36 -6.57
C SER D 163 21.52 -1.22 -5.87
N VAL D 164 21.80 -1.70 -4.66
CA VAL D 164 20.85 -2.53 -3.89
C VAL D 164 20.63 -1.94 -2.51
N THR D 165 19.39 -2.00 -1.99
CA THR D 165 19.13 -1.54 -0.64
C THR D 165 19.57 -2.59 0.39
N GLU D 166 19.61 -2.16 1.66
CA GLU D 166 19.87 -3.07 2.79
C GLU D 166 18.57 -3.86 3.03
N GLN D 167 18.68 -5.02 3.66
CA GLN D 167 17.49 -5.85 3.95
C GLN D 167 16.44 -5.00 4.71
N ASP D 168 15.20 -4.96 4.20
CA ASP D 168 14.11 -4.15 4.78
C ASP D 168 13.79 -4.53 6.24
N SER D 169 13.70 -3.52 7.14
CA SER D 169 13.45 -3.77 8.57
C SER D 169 12.07 -4.43 8.85
N LYS D 170 11.09 -4.20 7.97
CA LYS D 170 9.74 -4.74 8.13
C LYS D 170 9.51 -6.06 7.39
N ASP D 171 9.84 -6.12 6.07
CA ASP D 171 9.54 -7.37 5.33
C ASP D 171 10.76 -8.24 4.95
N SER D 172 11.99 -7.84 5.37
CA SER D 172 13.21 -8.61 5.15
C SER D 172 13.59 -8.84 3.66
N THR D 173 13.08 -7.96 2.76
CA THR D 173 13.37 -8.06 1.32
C THR D 173 14.46 -7.06 0.92
N TYR D 174 14.88 -7.16 -0.34
CA TYR D 174 15.85 -6.29 -0.99
C TYR D 174 15.20 -5.64 -2.20
N SER D 175 15.74 -4.49 -2.64
CA SER D 175 15.30 -3.86 -3.87
C SER D 175 16.54 -3.47 -4.64
N LEU D 176 16.44 -3.40 -5.96
CA LEU D 176 17.59 -3.12 -6.81
C LEU D 176 17.22 -2.19 -7.94
N SER D 177 18.13 -1.27 -8.26
CA SER D 177 17.95 -0.36 -9.38
C SER D 177 19.12 -0.60 -10.32
N SER D 178 18.85 -0.69 -11.62
CA SER D 178 19.90 -0.83 -12.64
C SER D 178 19.68 0.29 -13.62
N THR D 179 20.73 1.07 -13.91
CA THR D 179 20.62 2.18 -14.85
C THR D 179 21.47 1.91 -16.09
N LEU D 180 20.86 1.97 -17.26
CA LEU D 180 21.51 1.81 -18.55
C LEU D 180 21.71 3.22 -19.09
N THR D 181 22.97 3.61 -19.35
CA THR D 181 23.28 4.96 -19.83
C THR D 181 23.71 4.90 -21.29
N LEU D 182 23.03 5.66 -22.14
CA LEU D 182 23.34 5.72 -23.56
C LEU D 182 23.40 7.17 -24.00
N SER D 183 24.10 7.45 -25.10
CA SER D 183 24.07 8.80 -25.66
C SER D 183 22.66 8.95 -26.27
N LYS D 184 22.16 10.19 -26.44
CA LYS D 184 20.84 10.45 -27.05
C LYS D 184 20.78 9.86 -28.48
N ALA D 185 21.90 9.99 -29.25
CA ALA D 185 22.04 9.49 -30.62
C ALA D 185 21.87 7.96 -30.68
N ASP D 186 22.56 7.22 -29.79
CA ASP D 186 22.43 5.76 -29.70
C ASP D 186 21.01 5.36 -29.29
N TYR D 187 20.42 6.09 -28.32
CA TYR D 187 19.06 5.84 -27.85
C TYR D 187 18.04 5.96 -28.99
N GLU D 188 18.22 6.99 -29.84
CA GLU D 188 17.35 7.28 -30.97
C GLU D 188 17.54 6.32 -32.15
N LYS D 189 18.64 5.55 -32.17
CA LYS D 189 18.96 4.57 -33.21
C LYS D 189 18.22 3.23 -33.03
N HIS D 190 17.64 2.97 -31.84
CA HIS D 190 17.01 1.69 -31.51
C HIS D 190 15.57 1.81 -31.04
N LYS D 191 14.79 0.71 -31.16
CA LYS D 191 13.37 0.78 -30.80
C LYS D 191 13.02 0.10 -29.47
N VAL D 192 13.36 -1.20 -29.34
CA VAL D 192 12.95 -2.03 -28.20
C VAL D 192 13.96 -1.96 -27.05
N TYR D 193 13.50 -1.50 -25.89
CA TYR D 193 14.33 -1.42 -24.68
C TYR D 193 13.77 -2.35 -23.65
N ALA D 194 14.58 -3.33 -23.25
CA ALA D 194 14.14 -4.36 -22.34
C ALA D 194 15.12 -4.69 -21.21
N CYS D 195 14.57 -4.97 -20.01
CA CYS D 195 15.43 -5.52 -18.97
C CYS D 195 14.89 -6.89 -18.58
N GLU D 196 15.79 -7.88 -18.62
CA GLU D 196 15.48 -9.28 -18.35
C GLU D 196 16.05 -9.66 -16.99
N VAL D 197 15.17 -10.15 -16.13
CA VAL D 197 15.49 -10.45 -14.76
C VAL D 197 15.42 -11.95 -14.47
N THR D 198 16.50 -12.47 -13.87
CA THR D 198 16.61 -13.86 -13.38
C THR D 198 16.67 -13.81 -11.84
N HIS D 199 15.88 -14.67 -11.18
CA HIS D 199 15.83 -14.77 -9.71
C HIS D 199 15.31 -16.17 -9.35
N GLN D 200 15.73 -16.69 -8.17
CA GLN D 200 15.28 -17.99 -7.66
C GLN D 200 13.73 -18.15 -7.73
N GLY D 201 13.00 -17.07 -7.37
CA GLY D 201 11.54 -17.04 -7.31
C GLY D 201 10.81 -16.97 -8.63
N LEU D 202 11.54 -16.80 -9.74
CA LEU D 202 10.96 -16.71 -11.08
C LEU D 202 11.21 -18.01 -11.85
N SER D 203 10.12 -18.73 -12.19
CA SER D 203 10.21 -20.03 -12.91
C SER D 203 10.92 -19.87 -14.25
N SER D 204 10.63 -18.74 -14.93
CA SER D 204 11.27 -18.32 -16.18
C SER D 204 11.70 -16.85 -16.02
N PRO D 205 12.78 -16.38 -16.70
CA PRO D 205 13.17 -14.96 -16.56
C PRO D 205 12.02 -14.04 -16.97
N VAL D 206 11.88 -12.91 -16.26
CA VAL D 206 10.83 -11.91 -16.53
C VAL D 206 11.44 -10.77 -17.35
N THR D 207 10.77 -10.39 -18.46
CA THR D 207 11.22 -9.27 -19.30
C THR D 207 10.19 -8.14 -19.25
N LYS D 208 10.65 -6.91 -18.92
CA LYS D 208 9.86 -5.68 -18.93
C LYS D 208 10.44 -4.83 -20.04
N SER D 209 9.58 -4.33 -20.92
CA SER D 209 10.06 -3.59 -22.07
C SER D 209 9.20 -2.43 -22.48
N PHE D 210 9.76 -1.55 -23.31
CA PHE D 210 9.04 -0.44 -23.91
C PHE D 210 9.59 -0.18 -25.31
N ASN D 211 8.78 0.46 -26.16
CA ASN D 211 9.22 0.86 -27.49
C ASN D 211 9.40 2.38 -27.43
N ARG D 212 10.59 2.86 -27.78
CA ARG D 212 10.89 4.30 -27.80
C ARG D 212 9.89 5.02 -28.69
N GLY D 213 9.28 6.09 -28.15
CA GLY D 213 8.30 6.92 -28.85
C GLY D 213 6.90 6.34 -28.98
N GLU D 214 6.53 5.37 -28.11
CA GLU D 214 5.20 4.74 -28.09
C GLU D 214 4.49 4.91 -26.75
#